data_6D78
#
_entry.id   6D78
#
_cell.length_a   226.900
_cell.length_b   44.086
_cell.length_c   83.219
_cell.angle_alpha   90.000
_cell.angle_beta   106.430
_cell.angle_gamma   90.000
#
_symmetry.space_group_name_H-M   'C 1 2 1'
#
loop_
_entity.id
_entity.type
_entity.pdbx_description
1 polymer 'HLA class I histocompatibility antigen, A-2 alpha chain'
2 polymer Beta-2-microglobulin
3 polymer 'Melanoma antigen recognized by T-cells 1'
4 polymer 'DMF5 alpha chain,DMF5 alpha chain'
5 polymer 'DMF5 beta chain,DMF5 beta chain'
6 water water
#
loop_
_entity_poly.entity_id
_entity_poly.type
_entity_poly.pdbx_seq_one_letter_code
_entity_poly.pdbx_strand_id
1 'polypeptide(L)'
;MGSHSMRYFFTSVSRPGRGEPRFIAVGYVDDTQFVRFDSDAASQRMEPRAPWIEQEGPEYWDGETRKVKAHSQTHRVDLG
TLRGYYNQSEAGSHTVQRMYGCDVGSDWRFLRGYHQYAYDGKDYIALKEDLRSWTAADMAAQTTKHKWEAAHVAEQLRAY
LEGTCVEWLRRYLENGKETLQRTDAPKTHMTHHAVSDHEATLRCWALSFYPAEITLTWQRDGEDQTQDTELVETRPAGDG
TFQKWAAVVVPSGQEQRYTCHVQHEGLPKPLTLRWE
;
A
2 'polypeptide(L)'
;MIQRTPKIQVYSRHPAENGKSNFLNCYVSGFHPSDIEVDLLKNGERIEKVEHSDLSFSKDWSFYLLYYTEFTPTEKDEYA
CRVNHVTLSQPKIVKWDRDM
;
B
3 'polypeptide(L)' AAGIGILTV C
4 'polypeptide(L)'
;MKEVEQNSGPLSVPEGAIASLNCTYSYRGSQSFFWYRQYSGKSPELIMFIYSNGDKEDGRFTAQLNKASQYVSLLIRDSQ
PSDSATYLCAVNFGGGKLIFGQGTELSVKPNIQNPDPAVYQLRDSKSSDKSVCLFTDFDSQTNVSQSKDSDVYITDKCVL
DMRSMDFKSNSAVAWSNKSDFACANAFNNSIIPEDTFFPS
;
D
5 'polypeptide(L)'
;MIAGITQAPTSQILAAGRRMTLRCTQDMRHNAMYWYRQDLGLGLRLIHYSNTAGTTGKGEVPDGYSVSRANTDDFPLTLA
SAVPSQTSVYFCASSWSFGTEAFFGQGTRLTVVEDLNKVFPPEVAVFEPSEAEISHTQKATLVCLATGFYPDHVELSWWV
NGKEVHSGVCTDPQPLKEQPALNDSRYALSSRLRVSATFWQDPRNHFRCQVQFYGLSENDEWTQDRAKPVTQIVSAEAWG
RAD
;
E
#
# COMPACT_ATOMS: atom_id res chain seq x y z
N GLY A 2 2.90 -23.41 25.52
CA GLY A 2 1.97 -23.40 24.41
C GLY A 2 2.04 -22.14 23.58
N SER A 3 3.07 -21.33 23.83
CA SER A 3 3.26 -20.08 23.11
C SER A 3 3.81 -20.36 21.71
N HIS A 4 3.59 -19.38 20.82
CA HIS A 4 4.01 -19.51 19.42
C HIS A 4 4.61 -18.18 18.98
N SER A 5 5.12 -18.16 17.75
CA SER A 5 5.69 -16.95 17.18
C SER A 5 5.71 -17.06 15.67
N MET A 6 5.74 -15.90 15.00
CA MET A 6 5.94 -15.82 13.56
C MET A 6 7.01 -14.76 13.32
N ARG A 7 7.97 -15.08 12.45
CA ARG A 7 9.06 -14.16 12.16
C ARG A 7 9.35 -14.14 10.67
N TYR A 8 9.79 -12.98 10.19
CA TYR A 8 10.22 -12.79 8.81
C TYR A 8 11.64 -12.24 8.81
N PHE A 9 12.53 -12.91 8.07
CA PHE A 9 13.93 -12.51 7.96
C PHE A 9 14.22 -12.04 6.54
N PHE A 10 14.96 -10.95 6.43
CA PHE A 10 15.31 -10.35 5.15
C PHE A 10 16.79 -10.07 5.09
N THR A 11 17.41 -10.39 3.95
CA THR A 11 18.83 -10.15 3.74
C THR A 11 19.05 -9.63 2.33
N SER A 12 19.79 -8.53 2.22
CA SER A 12 20.18 -7.97 0.93
C SER A 12 21.68 -7.71 0.96
N VAL A 13 22.41 -8.35 0.05
CA VAL A 13 23.86 -8.26 -0.02
C VAL A 13 24.23 -7.67 -1.37
N SER A 14 24.75 -6.44 -1.37
CA SER A 14 25.21 -5.83 -2.60
C SER A 14 26.48 -6.53 -3.09
N ARG A 15 26.74 -6.37 -4.38
CA ARG A 15 27.92 -6.94 -5.03
C ARG A 15 28.93 -5.84 -5.37
N PRO A 16 30.20 -6.21 -5.56
CA PRO A 16 31.22 -5.18 -5.82
C PRO A 16 30.94 -4.41 -7.11
N GLY A 17 31.29 -3.11 -7.07
CA GLY A 17 31.14 -2.24 -8.22
C GLY A 17 29.69 -1.95 -8.58
N ARG A 18 28.93 -1.43 -7.61
CA ARG A 18 27.51 -1.13 -7.79
C ARG A 18 26.72 -2.37 -8.19
N GLY A 19 27.20 -3.55 -7.79
CA GLY A 19 26.52 -4.78 -8.15
C GLY A 19 25.17 -4.88 -7.47
N GLU A 20 24.14 -5.20 -8.26
CA GLU A 20 22.80 -5.30 -7.71
C GLU A 20 22.75 -6.36 -6.61
N PRO A 21 21.96 -6.16 -5.57
CA PRO A 21 22.06 -7.04 -4.39
C PRO A 21 21.38 -8.39 -4.60
N ARG A 22 21.89 -9.37 -3.86
CA ARG A 22 21.21 -10.65 -3.70
C ARG A 22 20.21 -10.54 -2.56
N PHE A 23 18.96 -10.93 -2.82
CA PHE A 23 17.88 -10.76 -1.88
C PHE A 23 17.27 -12.10 -1.52
N ILE A 24 17.19 -12.40 -0.23
CA ILE A 24 16.62 -13.65 0.27
C ILE A 24 15.73 -13.32 1.46
N ALA A 25 14.49 -13.80 1.42
CA ALA A 25 13.53 -13.61 2.50
C ALA A 25 12.96 -14.96 2.91
N VAL A 26 12.79 -15.15 4.22
CA VAL A 26 12.24 -16.40 4.75
C VAL A 26 11.22 -16.07 5.83
N GLY A 27 10.19 -16.91 5.93
CA GLY A 27 9.18 -16.76 6.95
C GLY A 27 9.08 -17.98 7.83
N TYR A 28 9.00 -17.78 9.14
CA TYR A 28 8.98 -18.86 10.11
C TYR A 28 7.73 -18.78 10.98
N VAL A 29 7.14 -19.93 11.25
CA VAL A 29 6.20 -20.10 12.34
C VAL A 29 6.90 -20.99 13.36
N ASP A 30 7.21 -20.41 14.52
CA ASP A 30 8.07 -21.07 15.50
C ASP A 30 9.39 -21.43 14.83
N ASP A 31 9.73 -22.72 14.82
CA ASP A 31 10.96 -23.19 14.19
C ASP A 31 10.70 -23.85 12.84
N THR A 32 9.58 -23.51 12.19
CA THR A 32 9.18 -24.12 10.93
C THR A 32 9.11 -23.05 9.85
N GLN A 33 9.94 -23.21 8.81
CA GLN A 33 9.88 -22.33 7.66
C GLN A 33 8.69 -22.71 6.78
N PHE A 34 7.99 -21.71 6.25
CA PHE A 34 6.84 -21.95 5.41
C PHE A 34 6.81 -21.15 4.12
N VAL A 35 7.57 -20.06 4.00
CA VAL A 35 7.65 -19.30 2.77
C VAL A 35 9.10 -18.89 2.53
N ARG A 36 9.40 -18.56 1.27
CA ARG A 36 10.74 -18.12 0.92
C ARG A 36 10.66 -17.27 -0.35
N PHE A 37 11.63 -16.37 -0.48
CA PHE A 37 11.85 -15.63 -1.72
C PHE A 37 13.34 -15.49 -1.94
N ASP A 38 13.81 -15.87 -3.14
CA ASP A 38 15.21 -15.76 -3.50
C ASP A 38 15.30 -15.04 -4.85
N SER A 39 16.02 -13.91 -4.86
CA SER A 39 16.15 -13.14 -6.09
C SER A 39 16.86 -13.90 -7.19
N ASP A 40 17.64 -14.93 -6.85
CA ASP A 40 18.32 -15.75 -7.85
C ASP A 40 17.47 -16.91 -8.36
N ALA A 41 16.30 -17.14 -7.78
CA ALA A 41 15.42 -18.18 -8.29
C ALA A 41 14.71 -17.70 -9.55
N ALA A 42 14.18 -18.65 -10.32
CA ALA A 42 13.60 -18.33 -11.61
C ALA A 42 12.18 -17.79 -11.50
N SER A 43 11.45 -18.17 -10.44
CA SER A 43 10.04 -17.78 -10.34
C SER A 43 9.88 -16.29 -10.07
N GLN A 44 10.81 -15.70 -9.32
CA GLN A 44 10.69 -14.31 -8.87
C GLN A 44 9.38 -14.08 -8.13
N ARG A 45 9.00 -15.06 -7.32
CA ARG A 45 7.77 -15.02 -6.55
C ARG A 45 8.01 -15.64 -5.18
N MET A 46 7.13 -15.30 -4.24
CA MET A 46 7.13 -15.97 -2.94
C MET A 46 6.75 -17.43 -3.13
N GLU A 47 7.49 -18.32 -2.47
CA GLU A 47 7.30 -19.74 -2.71
C GLU A 47 6.98 -20.48 -1.41
N PRO A 48 6.13 -21.50 -1.46
CA PRO A 48 5.78 -22.24 -0.25
C PRO A 48 6.88 -23.21 0.16
N ARG A 49 7.02 -23.38 1.47
CA ARG A 49 7.95 -24.35 2.04
C ARG A 49 7.31 -25.25 3.08
N ALA A 50 6.01 -25.15 3.31
CA ALA A 50 5.27 -26.02 4.21
C ALA A 50 3.95 -26.37 3.56
N PRO A 51 3.42 -27.57 3.80
CA PRO A 51 2.19 -27.97 3.10
C PRO A 51 0.98 -27.13 3.47
N TRP A 52 0.88 -26.67 4.72
CA TRP A 52 -0.32 -25.96 5.16
C TRP A 52 -0.42 -24.56 4.55
N ILE A 53 0.68 -24.01 4.03
CA ILE A 53 0.59 -22.72 3.35
C ILE A 53 0.22 -22.86 1.88
N GLU A 54 0.34 -24.07 1.31
CA GLU A 54 -0.04 -24.29 -0.08
C GLU A 54 -1.54 -24.23 -0.30
N GLN A 55 -2.35 -24.25 0.75
CA GLN A 55 -3.79 -24.16 0.62
C GLN A 55 -4.28 -22.73 0.46
N GLU A 56 -3.38 -21.75 0.39
CA GLU A 56 -3.75 -20.37 0.16
C GLU A 56 -4.01 -20.13 -1.33
N GLY A 57 -4.81 -19.10 -1.60
CA GLY A 57 -5.20 -18.78 -2.96
C GLY A 57 -4.12 -18.02 -3.69
N PRO A 58 -4.33 -17.87 -5.00
CA PRO A 58 -3.33 -17.15 -5.81
C PRO A 58 -3.17 -15.69 -5.42
N GLU A 59 -4.23 -15.03 -4.95
CA GLU A 59 -4.09 -13.63 -4.56
C GLU A 59 -3.23 -13.49 -3.32
N TYR A 60 -3.25 -14.48 -2.42
CA TYR A 60 -2.33 -14.48 -1.30
C TYR A 60 -0.88 -14.46 -1.79
N TRP A 61 -0.57 -15.29 -2.79
CA TRP A 61 0.81 -15.36 -3.27
C TRP A 61 1.19 -14.11 -4.05
N ASP A 62 0.24 -13.53 -4.80
CA ASP A 62 0.51 -12.28 -5.49
C ASP A 62 0.75 -11.16 -4.49
N GLY A 63 -0.07 -11.08 -3.44
CA GLY A 63 0.09 -10.01 -2.46
C GLY A 63 1.36 -10.13 -1.66
N GLU A 64 1.70 -11.35 -1.23
CA GLU A 64 2.98 -11.55 -0.56
C GLU A 64 4.15 -11.24 -1.48
N THR A 65 4.04 -11.62 -2.76
CA THR A 65 5.09 -11.32 -3.72
C THR A 65 5.28 -9.82 -3.90
N ARG A 66 4.16 -9.07 -3.97
CA ARG A 66 4.26 -7.62 -4.11
C ARG A 66 4.93 -7.00 -2.88
N LYS A 67 4.56 -7.46 -1.69
CA LYS A 67 5.12 -6.88 -0.47
C LYS A 67 6.59 -7.23 -0.31
N VAL A 68 6.97 -8.47 -0.61
CA VAL A 68 8.36 -8.86 -0.42
C VAL A 68 9.26 -8.22 -1.46
N LYS A 69 8.75 -8.03 -2.68
CA LYS A 69 9.53 -7.31 -3.69
C LYS A 69 9.73 -5.86 -3.27
N ALA A 70 8.72 -5.25 -2.65
CA ALA A 70 8.88 -3.89 -2.14
C ALA A 70 9.93 -3.83 -1.03
N HIS A 71 10.06 -4.90 -0.25
CA HIS A 71 11.15 -4.98 0.71
C HIS A 71 12.50 -4.94 0.01
N SER A 72 12.69 -5.78 -1.01
CA SER A 72 13.95 -5.82 -1.73
C SER A 72 14.28 -4.48 -2.37
N GLN A 73 13.29 -3.85 -3.00
CA GLN A 73 13.50 -2.54 -3.60
C GLN A 73 13.84 -1.49 -2.54
N THR A 74 13.26 -1.61 -1.35
CA THR A 74 13.62 -0.71 -0.26
C THR A 74 15.06 -0.93 0.19
N HIS A 75 15.45 -2.20 0.36
CA HIS A 75 16.83 -2.49 0.74
C HIS A 75 17.81 -2.08 -0.35
N ARG A 76 17.41 -2.17 -1.63
CA ARG A 76 18.28 -1.74 -2.71
C ARG A 76 18.60 -0.26 -2.61
N VAL A 77 17.61 0.56 -2.23
CA VAL A 77 17.85 1.98 -2.00
C VAL A 77 18.67 2.19 -0.74
N ASP A 78 18.39 1.42 0.31
CA ASP A 78 19.12 1.56 1.57
C ASP A 78 20.61 1.32 1.38
N LEU A 79 20.97 0.32 0.58
CA LEU A 79 22.38 -0.01 0.38
C LEU A 79 23.12 1.17 -0.23
N GLY A 80 22.48 1.90 -1.15
CA GLY A 80 23.11 3.10 -1.69
C GLY A 80 23.15 4.24 -0.69
N THR A 81 22.08 4.41 0.09
CA THR A 81 22.05 5.48 1.09
C THR A 81 23.06 5.23 2.20
N LEU A 82 23.11 4.01 2.73
CA LEU A 82 24.07 3.67 3.76
C LEU A 82 25.50 3.77 3.27
N ARG A 83 25.73 3.62 1.97
CA ARG A 83 27.07 3.81 1.42
C ARG A 83 27.52 5.26 1.57
N GLY A 84 26.57 6.20 1.52
CA GLY A 84 26.90 7.61 1.71
C GLY A 84 26.97 8.01 3.16
N TYR A 85 26.14 7.42 4.01
CA TYR A 85 26.16 7.75 5.44
C TYR A 85 27.52 7.45 6.06
N TYR A 86 28.12 6.34 5.69
CA TYR A 86 29.39 5.90 6.27
C TYR A 86 30.58 6.20 5.37
N ASN A 87 30.36 6.90 4.25
CA ASN A 87 31.44 7.32 3.35
C ASN A 87 32.25 6.11 2.88
N GLN A 88 31.55 5.15 2.30
CA GLN A 88 32.16 3.93 1.79
C GLN A 88 32.19 3.95 0.26
N SER A 89 33.09 3.14 -0.29
CA SER A 89 33.28 3.09 -1.74
C SER A 89 32.38 2.02 -2.37
N GLU A 90 32.33 2.04 -3.69
CA GLU A 90 31.53 1.07 -4.44
C GLU A 90 32.23 -0.26 -4.63
N ALA A 91 33.49 -0.39 -4.20
CA ALA A 91 34.26 -1.60 -4.49
C ALA A 91 33.86 -2.76 -3.59
N GLY A 92 33.31 -2.48 -2.41
CA GLY A 92 33.02 -3.53 -1.46
C GLY A 92 31.61 -4.06 -1.53
N SER A 93 31.40 -5.18 -0.84
CA SER A 93 30.08 -5.79 -0.70
C SER A 93 29.56 -5.52 0.71
N HIS A 94 28.30 -5.11 0.80
CA HIS A 94 27.70 -4.75 2.08
C HIS A 94 26.34 -5.42 2.22
N THR A 95 25.90 -5.57 3.46
CA THR A 95 24.73 -6.37 3.78
C THR A 95 23.71 -5.55 4.57
N VAL A 96 22.45 -5.64 4.17
CA VAL A 96 21.33 -5.13 4.94
C VAL A 96 20.51 -6.31 5.44
N GLN A 97 20.22 -6.32 6.74
CA GLN A 97 19.40 -7.35 7.35
C GLN A 97 18.20 -6.72 8.04
N ARG A 98 17.06 -7.40 7.98
CA ARG A 98 15.84 -6.93 8.61
C ARG A 98 15.09 -8.12 9.17
N MET A 99 14.57 -7.97 10.39
CA MET A 99 13.81 -9.03 11.04
C MET A 99 12.69 -8.40 11.85
N TYR A 100 11.48 -8.94 11.71
CA TYR A 100 10.36 -8.52 12.53
C TYR A 100 9.42 -9.70 12.74
N GLY A 101 8.56 -9.58 13.74
CA GLY A 101 7.63 -10.64 14.05
C GLY A 101 6.93 -10.38 15.36
N CYS A 102 6.11 -11.36 15.76
CA CYS A 102 5.28 -11.23 16.94
C CYS A 102 5.27 -12.54 17.71
N ASP A 103 5.12 -12.43 19.03
CA ASP A 103 4.98 -13.58 19.90
C ASP A 103 3.57 -13.59 20.49
N VAL A 104 2.98 -14.77 20.59
CA VAL A 104 1.71 -14.94 21.27
C VAL A 104 1.88 -15.98 22.36
N GLY A 105 1.15 -15.79 23.46
CA GLY A 105 1.19 -16.71 24.57
C GLY A 105 0.41 -17.98 24.27
N SER A 106 0.30 -18.82 25.30
CA SER A 106 -0.44 -20.07 25.17
C SER A 106 -1.91 -19.82 24.86
N ASP A 107 -2.44 -18.64 25.20
CA ASP A 107 -3.80 -18.25 24.87
C ASP A 107 -3.93 -17.65 23.48
N TRP A 108 -2.85 -17.66 22.70
CA TRP A 108 -2.79 -17.09 21.35
C TRP A 108 -3.05 -15.58 21.34
N ARG A 109 -2.87 -14.91 22.47
CA ARG A 109 -3.00 -13.46 22.53
C ARG A 109 -1.62 -12.81 22.41
N PHE A 110 -1.61 -11.58 21.89
CA PHE A 110 -0.36 -10.87 21.65
C PHE A 110 0.48 -10.80 22.91
N LEU A 111 1.77 -11.11 22.76
CA LEU A 111 2.72 -11.09 23.86
C LEU A 111 3.78 -10.01 23.68
N ARG A 112 4.37 -9.92 22.49
CA ARG A 112 5.37 -8.89 22.21
C ARG A 112 5.61 -8.84 20.71
N GLY A 113 6.11 -7.69 20.26
CA GLY A 113 6.51 -7.54 18.88
C GLY A 113 7.91 -6.98 18.80
N TYR A 114 8.53 -7.16 17.64
CA TYR A 114 9.91 -6.70 17.44
C TYR A 114 10.13 -6.37 15.98
N HIS A 115 11.02 -5.41 15.73
CA HIS A 115 11.44 -5.05 14.39
C HIS A 115 12.85 -4.50 14.47
N GLN A 116 13.80 -5.21 13.86
CA GLN A 116 15.21 -4.90 13.99
C GLN A 116 15.86 -4.78 12.61
N TYR A 117 16.83 -3.88 12.51
CA TYR A 117 17.50 -3.56 11.26
C TYR A 117 19.01 -3.49 11.52
N ALA A 118 19.79 -4.03 10.59
CA ALA A 118 21.24 -4.12 10.77
C ALA A 118 21.96 -3.82 9.46
N TYR A 119 23.15 -3.23 9.60
CA TYR A 119 24.01 -2.94 8.47
C TYR A 119 25.38 -3.52 8.73
N ASP A 120 25.82 -4.43 7.85
CA ASP A 120 27.11 -5.12 7.98
C ASP A 120 27.24 -5.84 9.31
N GLY A 121 26.16 -6.52 9.72
CA GLY A 121 26.17 -7.34 10.91
C GLY A 121 26.07 -6.59 12.23
N LYS A 122 26.00 -5.26 12.20
CA LYS A 122 25.92 -4.45 13.40
C LYS A 122 24.52 -3.88 13.55
N ASP A 123 24.05 -3.79 14.79
CA ASP A 123 22.76 -3.16 15.07
C ASP A 123 22.71 -1.77 14.44
N TYR A 124 21.59 -1.45 13.82
CA TYR A 124 21.39 -0.14 13.23
C TYR A 124 20.26 0.58 13.95
N ILE A 125 19.01 0.21 13.66
CA ILE A 125 17.85 0.77 14.33
C ILE A 125 16.91 -0.38 14.69
N ALA A 126 16.26 -0.25 15.85
CA ALA A 126 15.34 -1.27 16.33
C ALA A 126 14.18 -0.61 17.05
N LEU A 127 12.99 -1.18 16.88
CA LEU A 127 11.81 -0.70 17.58
C LEU A 127 11.79 -1.27 18.99
N LYS A 128 11.63 -0.39 19.98
CA LYS A 128 11.64 -0.83 21.37
C LYS A 128 10.41 -1.68 21.67
N GLU A 129 10.43 -2.31 22.85
CA GLU A 129 9.38 -3.25 23.22
C GLU A 129 8.01 -2.58 23.30
N ASP A 130 7.98 -1.27 23.59
CA ASP A 130 6.71 -0.56 23.63
C ASP A 130 6.10 -0.37 22.25
N LEU A 131 6.84 -0.68 21.19
CA LEU A 131 6.38 -0.50 19.81
C LEU A 131 6.00 0.94 19.53
N ARG A 132 6.65 1.88 20.21
CA ARG A 132 6.37 3.30 20.04
CA ARG A 132 6.37 3.30 20.04
C ARG A 132 7.61 4.18 19.95
N SER A 133 8.78 3.70 20.38
CA SER A 133 10.01 4.47 20.33
C SER A 133 11.11 3.62 19.69
N TRP A 134 12.11 4.30 19.16
CA TRP A 134 13.20 3.66 18.43
C TRP A 134 14.47 3.64 19.26
N THR A 135 15.37 2.73 18.89
CA THR A 135 16.72 2.66 19.44
C THR A 135 17.70 2.74 18.28
N ALA A 136 18.39 3.87 18.16
CA ALA A 136 19.36 4.10 17.10
C ALA A 136 20.74 3.79 17.63
N ALA A 137 21.44 2.87 16.98
CA ALA A 137 22.75 2.43 17.46
C ALA A 137 23.80 3.51 17.27
N ASP A 138 23.84 4.14 16.10
CA ASP A 138 24.84 5.15 15.78
C ASP A 138 24.18 6.37 15.17
N MET A 139 25.00 7.34 14.76
CA MET A 139 24.48 8.61 14.28
C MET A 139 23.77 8.47 12.94
N ALA A 140 24.23 7.56 12.08
CA ALA A 140 23.51 7.32 10.82
C ALA A 140 22.09 6.84 11.10
N ALA A 141 21.93 5.97 12.11
CA ALA A 141 20.61 5.49 12.48
C ALA A 141 19.79 6.59 13.16
N GLN A 142 20.45 7.56 13.79
CA GLN A 142 19.73 8.68 14.38
C GLN A 142 19.08 9.55 13.31
N THR A 143 19.76 9.72 12.18
CA THR A 143 19.14 10.38 11.03
C THR A 143 17.94 9.59 10.54
N THR A 144 18.07 8.26 10.48
CA THR A 144 16.94 7.42 10.07
C THR A 144 15.81 7.49 11.09
N LYS A 145 16.15 7.55 12.38
CA LYS A 145 15.11 7.66 13.40
C LYS A 145 14.30 8.93 13.23
N HIS A 146 14.97 10.05 12.95
CA HIS A 146 14.26 11.31 12.75
C HIS A 146 13.34 11.24 11.54
N LYS A 147 13.78 10.56 10.47
CA LYS A 147 12.94 10.39 9.29
C LYS A 147 11.77 9.48 9.60
N TRP A 148 12.03 8.34 10.24
CA TRP A 148 10.96 7.38 10.52
C TRP A 148 9.99 7.90 11.56
N GLU A 149 10.46 8.70 12.52
CA GLU A 149 9.55 9.30 13.48
C GLU A 149 8.61 10.30 12.82
N ALA A 150 9.14 11.11 11.90
CA ALA A 150 8.30 12.06 11.18
C ALA A 150 7.32 11.35 10.25
N ALA A 151 7.71 10.22 9.69
CA ALA A 151 6.84 9.45 8.82
C ALA A 151 5.92 8.51 9.58
N HIS A 152 6.00 8.48 10.91
CA HIS A 152 5.13 7.67 11.76
C HIS A 152 5.24 6.19 11.42
N VAL A 153 6.48 5.71 11.24
CA VAL A 153 6.70 4.30 10.94
C VAL A 153 6.35 3.43 12.15
N ALA A 154 6.56 3.95 13.35
CA ALA A 154 6.34 3.14 14.56
C ALA A 154 4.88 2.71 14.69
N GLU A 155 3.94 3.62 14.46
CA GLU A 155 2.54 3.26 14.60
C GLU A 155 2.09 2.31 13.49
N GLN A 156 2.71 2.41 12.31
CA GLN A 156 2.39 1.47 11.24
C GLN A 156 2.87 0.06 11.59
N LEU A 157 4.10 -0.06 12.08
CA LEU A 157 4.61 -1.37 12.50
C LEU A 157 3.83 -1.90 13.69
N ARG A 158 3.42 -1.03 14.61
CA ARG A 158 2.65 -1.47 15.77
C ARG A 158 1.32 -2.10 15.33
N ALA A 159 0.68 -1.52 14.32
CA ALA A 159 -0.56 -2.09 13.81
C ALA A 159 -0.35 -3.46 13.19
N TYR A 160 0.77 -3.62 12.47
CA TYR A 160 1.07 -4.93 11.90
C TYR A 160 1.44 -5.94 12.97
N LEU A 161 2.33 -5.55 13.90
CA LEU A 161 2.82 -6.49 14.90
C LEU A 161 1.73 -6.88 15.88
N GLU A 162 0.90 -5.92 16.30
CA GLU A 162 -0.18 -6.22 17.24
C GLU A 162 -1.43 -6.74 16.54
N GLY A 163 -1.56 -6.55 15.24
CA GLY A 163 -2.76 -6.96 14.54
C GLY A 163 -2.53 -8.00 13.46
N THR A 164 -2.01 -7.57 12.31
CA THR A 164 -1.87 -8.47 11.16
C THR A 164 -0.99 -9.66 11.49
N CYS A 165 0.13 -9.43 12.18
CA CYS A 165 1.04 -10.53 12.52
C CYS A 165 0.36 -11.56 13.40
N VAL A 166 -0.38 -11.11 14.41
CA VAL A 166 -1.03 -12.03 15.34
C VAL A 166 -2.20 -12.73 14.67
N GLU A 167 -2.99 -12.00 13.88
CA GLU A 167 -4.17 -12.59 13.26
C GLU A 167 -3.80 -13.70 12.29
N TRP A 168 -2.78 -13.48 11.45
CA TRP A 168 -2.37 -14.50 10.50
C TRP A 168 -1.53 -15.60 11.13
N LEU A 169 -0.92 -15.34 12.29
CA LEU A 169 -0.26 -16.40 13.03
C LEU A 169 -1.28 -17.40 13.57
N ARG A 170 -2.42 -16.91 14.07
CA ARG A 170 -3.48 -17.79 14.53
C ARG A 170 -4.03 -18.62 13.38
N ARG A 171 -4.26 -17.98 12.22
CA ARG A 171 -4.78 -18.69 11.06
C ARG A 171 -3.82 -19.80 10.63
N TYR A 172 -2.51 -19.55 10.71
CA TYR A 172 -1.54 -20.58 10.37
C TYR A 172 -1.57 -21.72 11.38
N LEU A 173 -1.63 -21.38 12.68
CA LEU A 173 -1.67 -22.40 13.71
C LEU A 173 -2.91 -23.27 13.62
N GLU A 174 -3.98 -22.78 13.00
CA GLU A 174 -5.20 -23.56 12.81
C GLU A 174 -5.13 -24.41 11.55
N ASN A 175 -4.73 -23.82 10.43
CA ASN A 175 -4.66 -24.57 9.17
C ASN A 175 -3.63 -25.68 9.24
N GLY A 176 -2.49 -25.42 9.88
CA GLY A 176 -1.47 -26.44 10.04
C GLY A 176 -1.30 -26.91 11.46
N LYS A 177 -2.42 -27.11 12.16
CA LYS A 177 -2.37 -27.52 13.56
C LYS A 177 -1.72 -28.87 13.72
N GLU A 178 -1.80 -29.74 12.70
CA GLU A 178 -1.25 -31.08 12.81
C GLU A 178 0.26 -31.06 12.91
N THR A 179 0.92 -30.04 12.34
CA THR A 179 2.37 -29.97 12.36
C THR A 179 2.91 -28.81 13.18
N LEU A 180 2.14 -27.74 13.38
CA LEU A 180 2.63 -26.59 14.11
C LEU A 180 2.38 -26.70 15.62
N GLN A 181 1.21 -27.20 16.02
CA GLN A 181 0.90 -27.37 17.44
C GLN A 181 1.34 -28.74 17.95
N ARG A 182 2.56 -29.12 17.60
CA ARG A 182 3.11 -30.42 17.98
C ARG A 182 4.44 -30.21 18.70
N THR A 183 4.82 -31.21 19.48
CA THR A 183 6.14 -31.28 20.09
C THR A 183 6.70 -32.68 19.90
N ASP A 184 7.91 -32.76 19.35
CA ASP A 184 8.60 -34.03 19.19
C ASP A 184 9.57 -34.20 20.35
N ALA A 185 9.31 -35.19 21.20
CA ALA A 185 10.21 -35.48 22.30
C ALA A 185 11.54 -36.01 21.76
N PRO A 186 12.66 -35.58 22.33
CA PRO A 186 13.96 -36.03 21.80
C PRO A 186 14.18 -37.51 22.05
N LYS A 187 14.69 -38.18 21.02
CA LYS A 187 15.19 -39.55 21.16
C LYS A 187 16.67 -39.47 21.51
N THR A 188 17.06 -40.09 22.61
CA THR A 188 18.38 -39.88 23.19
C THR A 188 19.15 -41.19 23.29
N HIS A 189 20.47 -41.07 23.15
CA HIS A 189 21.38 -42.18 23.37
C HIS A 189 22.73 -41.58 23.75
N MET A 190 23.67 -42.46 24.12
CA MET A 190 24.97 -42.01 24.59
C MET A 190 26.08 -42.85 23.96
N THR A 191 27.16 -42.18 23.55
CA THR A 191 28.32 -42.83 22.98
C THR A 191 29.52 -42.66 23.90
N HIS A 192 30.46 -43.60 23.79
CA HIS A 192 31.65 -43.63 24.62
C HIS A 192 32.90 -43.69 23.74
N HIS A 193 33.94 -42.96 24.13
CA HIS A 193 35.17 -42.92 23.36
C HIS A 193 36.34 -42.79 24.31
N ALA A 194 37.23 -43.78 24.31
CA ALA A 194 38.43 -43.71 25.11
C ALA A 194 39.39 -42.67 24.52
N VAL A 195 39.80 -41.71 25.34
CA VAL A 195 40.70 -40.65 24.90
C VAL A 195 42.16 -41.03 25.11
N SER A 196 42.48 -41.48 26.31
CA SER A 196 43.84 -41.90 26.64
C SER A 196 43.72 -43.07 27.62
N ASP A 197 44.83 -43.39 28.29
CA ASP A 197 44.83 -44.48 29.25
C ASP A 197 44.14 -44.12 30.55
N HIS A 198 43.94 -42.82 30.82
CA HIS A 198 43.42 -42.37 32.10
C HIS A 198 42.10 -41.63 31.99
N GLU A 199 41.57 -41.43 30.78
CA GLU A 199 40.32 -40.68 30.66
C GLU A 199 39.62 -41.06 29.37
N ALA A 200 38.33 -40.77 29.32
CA ALA A 200 37.49 -41.07 28.16
C ALA A 200 36.44 -39.97 28.03
N THR A 201 35.70 -40.02 26.92
CA THR A 201 34.69 -39.03 26.60
C THR A 201 33.32 -39.69 26.55
N LEU A 202 32.37 -39.15 27.30
CA LEU A 202 30.96 -39.52 27.20
C LEU A 202 30.24 -38.43 26.42
N ARG A 203 29.49 -38.83 25.40
CA ARG A 203 28.74 -37.90 24.57
C ARG A 203 27.26 -38.23 24.65
N CYS A 204 26.46 -37.25 25.07
CA CYS A 204 25.03 -37.41 25.24
C CYS A 204 24.31 -36.83 24.02
N TRP A 205 23.44 -37.64 23.41
CA TRP A 205 22.80 -37.29 22.15
C TRP A 205 21.32 -36.99 22.36
N ALA A 206 20.82 -36.02 21.60
CA ALA A 206 19.40 -35.70 21.54
C ALA A 206 19.02 -35.48 20.08
N LEU A 207 18.14 -36.33 19.55
CA LEU A 207 17.86 -36.35 18.12
C LEU A 207 16.37 -36.26 17.86
N SER A 208 16.03 -35.68 16.70
CA SER A 208 14.65 -35.66 16.18
C SER A 208 13.67 -35.05 17.18
N PHE A 209 13.98 -33.84 17.65
CA PHE A 209 13.10 -33.13 18.56
C PHE A 209 12.66 -31.81 17.96
N TYR A 210 11.48 -31.36 18.38
CA TYR A 210 10.89 -30.11 17.93
C TYR A 210 10.04 -29.56 19.08
N PRO A 211 10.13 -28.26 19.39
CA PRO A 211 10.98 -27.26 18.72
C PRO A 211 12.45 -27.35 19.12
N ALA A 212 13.26 -26.41 18.60
CA ALA A 212 14.71 -26.51 18.76
C ALA A 212 15.18 -26.24 20.18
N GLU A 213 14.37 -25.58 21.00
CA GLU A 213 14.79 -25.26 22.37
C GLU A 213 14.97 -26.53 23.18
N ILE A 214 16.14 -26.67 23.80
CA ILE A 214 16.47 -27.85 24.58
C ILE A 214 17.66 -27.50 25.47
N THR A 215 17.80 -28.23 26.58
CA THR A 215 18.91 -28.05 27.51
C THR A 215 19.51 -29.40 27.85
N LEU A 216 20.82 -29.54 27.66
CA LEU A 216 21.55 -30.74 28.03
C LEU A 216 22.52 -30.41 29.15
N THR A 217 22.44 -31.17 30.24
CA THR A 217 23.26 -30.93 31.42
C THR A 217 23.90 -32.24 31.87
N TRP A 218 25.21 -32.21 32.10
CA TRP A 218 25.92 -33.36 32.65
C TRP A 218 25.93 -33.29 34.17
N GLN A 219 25.94 -34.47 34.78
CA GLN A 219 25.94 -34.58 36.24
C GLN A 219 26.92 -35.65 36.67
N ARG A 220 27.69 -35.35 37.72
CA ARG A 220 28.56 -36.31 38.38
C ARG A 220 28.03 -36.57 39.78
N ASP A 221 27.67 -37.83 40.06
CA ASP A 221 27.03 -38.21 41.33
C ASP A 221 25.74 -37.42 41.57
N GLY A 222 25.05 -37.06 40.50
CA GLY A 222 23.80 -36.34 40.61
C GLY A 222 23.92 -34.84 40.76
N GLU A 223 25.12 -34.28 40.60
CA GLU A 223 25.34 -32.85 40.74
C GLU A 223 25.78 -32.26 39.40
N ASP A 224 25.19 -31.12 39.06
CA ASP A 224 25.50 -30.47 37.78
C ASP A 224 26.98 -30.18 37.65
N GLN A 225 27.53 -30.46 36.48
CA GLN A 225 28.94 -30.26 36.19
C GLN A 225 29.11 -29.53 34.88
N THR A 226 29.88 -28.45 34.89
CA THR A 226 30.21 -27.70 33.68
C THR A 226 31.68 -27.79 33.30
N GLN A 227 32.54 -28.27 34.19
CA GLN A 227 33.95 -28.43 33.88
C GLN A 227 34.16 -29.61 32.94
N ASP A 228 35.16 -29.47 32.07
CA ASP A 228 35.54 -30.51 31.12
C ASP A 228 34.38 -30.93 30.22
N THR A 229 33.47 -30.02 29.94
CA THR A 229 32.32 -30.28 29.09
C THR A 229 32.40 -29.46 27.81
N GLU A 230 31.72 -29.95 26.78
CA GLU A 230 31.68 -29.27 25.49
C GLU A 230 30.26 -29.33 24.95
N LEU A 231 29.66 -28.17 24.72
CA LEU A 231 28.35 -28.08 24.11
C LEU A 231 28.50 -27.75 22.63
N VAL A 232 27.64 -28.35 21.81
CA VAL A 232 27.60 -28.05 20.38
C VAL A 232 26.29 -27.33 20.08
N GLU A 233 26.33 -26.50 19.05
CA GLU A 233 25.16 -25.71 18.69
C GLU A 233 24.04 -26.61 18.16
N THR A 234 22.82 -26.32 18.60
CA THR A 234 21.66 -27.06 18.11
C THR A 234 21.57 -26.94 16.60
N ARG A 235 21.41 -28.08 15.92
CA ARG A 235 21.50 -28.13 14.48
C ARG A 235 20.26 -28.78 13.89
N PRO A 236 19.89 -28.42 12.65
CA PRO A 236 18.73 -29.05 12.02
C PRO A 236 19.09 -30.38 11.40
N ALA A 237 18.16 -31.33 11.46
CA ALA A 237 18.35 -32.63 10.86
C ALA A 237 17.99 -32.66 9.39
N GLY A 238 17.20 -31.68 8.92
CA GLY A 238 16.78 -31.61 7.54
C GLY A 238 15.37 -32.09 7.28
N ASP A 239 14.73 -32.73 8.26
CA ASP A 239 13.36 -33.23 8.12
C ASP A 239 12.37 -32.44 8.97
N GLY A 240 12.77 -31.26 9.45
CA GLY A 240 11.94 -30.45 10.33
C GLY A 240 12.28 -30.57 11.79
N THR A 241 13.10 -31.54 12.18
CA THR A 241 13.51 -31.72 13.57
C THR A 241 14.96 -31.26 13.74
N PHE A 242 15.42 -31.28 14.99
CA PHE A 242 16.71 -30.71 15.34
C PHE A 242 17.51 -31.72 16.15
N GLN A 243 18.81 -31.46 16.26
CA GLN A 243 19.75 -32.33 16.94
C GLN A 243 20.68 -31.50 17.82
N LYS A 244 21.23 -32.14 18.85
CA LYS A 244 22.19 -31.51 19.74
C LYS A 244 22.87 -32.60 20.55
N TRP A 245 24.14 -32.37 20.89
CA TRP A 245 24.85 -33.27 21.78
C TRP A 245 25.73 -32.47 22.74
N ALA A 246 26.00 -33.09 23.89
CA ALA A 246 26.89 -32.54 24.91
C ALA A 246 27.87 -33.62 25.35
N ALA A 247 29.13 -33.23 25.51
CA ALA A 247 30.19 -34.18 25.82
C ALA A 247 30.91 -33.78 27.10
N VAL A 248 31.56 -34.76 27.71
CA VAL A 248 32.32 -34.55 28.94
C VAL A 248 33.46 -35.56 28.98
N VAL A 249 34.63 -35.10 29.43
CA VAL A 249 35.79 -35.97 29.60
C VAL A 249 35.81 -36.45 31.04
N VAL A 250 35.82 -37.77 31.23
CA VAL A 250 35.71 -38.37 32.56
C VAL A 250 36.93 -39.23 32.83
N PRO A 251 37.31 -39.45 34.09
CA PRO A 251 38.41 -40.38 34.38
C PRO A 251 38.02 -41.79 33.97
N SER A 252 38.99 -42.51 33.40
CA SER A 252 38.75 -43.85 32.91
C SER A 252 38.32 -44.77 34.06
N GLY A 253 37.22 -45.50 33.83
CA GLY A 253 36.66 -46.36 34.85
C GLY A 253 35.56 -45.72 35.69
N GLN A 254 35.28 -44.43 35.49
CA GLN A 254 34.27 -43.71 36.25
C GLN A 254 33.12 -43.23 35.35
N GLU A 255 32.91 -43.91 34.22
CA GLU A 255 31.83 -43.53 33.32
C GLU A 255 30.46 -43.70 33.97
N GLN A 256 30.33 -44.67 34.88
CA GLN A 256 29.05 -44.94 35.52
C GLN A 256 28.66 -43.90 36.55
N ARG A 257 29.56 -42.99 36.90
CA ARG A 257 29.27 -41.94 37.87
C ARG A 257 28.67 -40.70 37.23
N TYR A 258 28.42 -40.71 35.91
CA TYR A 258 27.94 -39.54 35.19
C TYR A 258 26.57 -39.82 34.59
N THR A 259 25.71 -38.81 34.63
CA THR A 259 24.38 -38.88 34.05
C THR A 259 24.11 -37.63 33.23
N CYS A 260 23.37 -37.79 32.15
CA CYS A 260 22.99 -36.69 31.28
C CYS A 260 21.54 -36.32 31.52
N HIS A 261 21.29 -35.04 31.80
CA HIS A 261 19.96 -34.54 32.07
C HIS A 261 19.44 -33.79 30.84
N VAL A 262 18.30 -34.22 30.33
CA VAL A 262 17.71 -33.66 29.12
C VAL A 262 16.40 -32.96 29.50
N GLN A 263 16.25 -31.72 29.07
CA GLN A 263 15.04 -30.93 29.32
C GLN A 263 14.47 -30.47 27.99
N HIS A 264 13.24 -30.85 27.70
CA HIS A 264 12.57 -30.46 26.46
C HIS A 264 11.08 -30.42 26.70
N GLU A 265 10.40 -29.44 26.09
CA GLU A 265 8.98 -29.22 26.34
C GLU A 265 8.11 -30.34 25.78
N GLY A 266 8.64 -31.19 24.91
CA GLY A 266 7.89 -32.32 24.41
C GLY A 266 7.97 -33.57 25.25
N LEU A 267 8.85 -33.59 26.26
CA LEU A 267 8.97 -34.74 27.14
C LEU A 267 7.88 -34.72 28.20
N PRO A 268 7.19 -35.84 28.44
CA PRO A 268 6.23 -35.88 29.55
C PRO A 268 6.90 -35.88 30.92
N LYS A 269 8.22 -36.04 30.98
CA LYS A 269 8.99 -35.99 32.20
C LYS A 269 10.45 -35.76 31.83
N PRO A 270 11.20 -35.02 32.64
CA PRO A 270 12.63 -34.84 32.35
C PRO A 270 13.36 -36.17 32.22
N LEU A 271 14.31 -36.21 31.30
CA LEU A 271 14.98 -37.45 30.91
C LEU A 271 16.39 -37.49 31.49
N THR A 272 16.77 -38.67 32.01
CA THR A 272 18.08 -38.90 32.57
C THR A 272 18.72 -40.09 31.85
N LEU A 273 19.94 -39.88 31.35
CA LEU A 273 20.65 -40.89 30.59
C LEU A 273 21.85 -41.41 31.36
N ARG A 274 22.22 -42.66 31.06
CA ARG A 274 23.41 -43.29 31.59
C ARG A 274 24.10 -44.06 30.48
N TRP A 275 25.42 -44.15 30.57
CA TRP A 275 26.18 -44.96 29.62
C TRP A 275 25.91 -46.43 29.88
N GLU A 276 25.31 -47.10 28.92
CA GLU A 276 24.96 -48.52 29.05
C GLU A 276 25.29 -49.29 27.79
N MET B 1 32.26 -2.97 9.72
CA MET B 1 32.27 -4.28 9.08
C MET B 1 32.55 -5.39 10.08
N ILE B 2 31.55 -6.22 10.32
CA ILE B 2 31.66 -7.36 11.23
C ILE B 2 31.84 -8.63 10.39
N GLN B 3 32.94 -9.34 10.62
CA GLN B 3 33.24 -10.58 9.93
C GLN B 3 33.43 -11.68 10.95
N ARG B 4 32.63 -12.74 10.84
CA ARG B 4 32.68 -13.87 11.76
C ARG B 4 32.95 -15.14 10.98
N THR B 5 33.91 -15.93 11.44
CA THR B 5 34.21 -17.20 10.78
C THR B 5 33.13 -18.24 11.12
N PRO B 6 32.81 -19.10 10.17
CA PRO B 6 31.68 -20.04 10.38
C PRO B 6 32.04 -21.19 11.30
N LYS B 7 31.07 -21.57 12.12
CA LYS B 7 31.13 -22.86 12.81
C LYS B 7 30.61 -23.94 11.86
N ILE B 8 31.33 -25.06 11.81
CA ILE B 8 31.06 -26.11 10.83
C ILE B 8 30.76 -27.40 11.57
N GLN B 9 29.64 -28.03 11.23
CA GLN B 9 29.28 -29.34 11.77
C GLN B 9 28.92 -30.26 10.62
N VAL B 10 29.54 -31.44 10.59
CA VAL B 10 29.26 -32.47 9.61
C VAL B 10 28.65 -33.67 10.33
N TYR B 11 27.53 -34.16 9.81
CA TYR B 11 26.77 -35.19 10.49
C TYR B 11 25.74 -35.76 9.51
N SER B 12 25.13 -36.87 9.91
CA SER B 12 24.07 -37.50 9.15
C SER B 12 22.73 -37.24 9.83
N ARG B 13 21.66 -37.21 9.02
CA ARG B 13 20.33 -36.96 9.55
C ARG B 13 19.93 -38.03 10.57
N HIS B 14 20.25 -39.28 10.28
CA HIS B 14 19.98 -40.41 11.15
C HIS B 14 21.29 -41.08 11.55
N PRO B 15 21.28 -41.90 12.60
CA PRO B 15 22.49 -42.66 12.94
C PRO B 15 22.97 -43.47 11.74
N ALA B 16 24.26 -43.33 11.44
CA ALA B 16 24.81 -43.94 10.24
C ALA B 16 24.88 -45.46 10.38
N GLU B 17 24.33 -46.16 9.39
CA GLU B 17 24.37 -47.61 9.33
C GLU B 17 24.83 -48.01 7.93
N ASN B 18 25.88 -48.84 7.87
CA ASN B 18 26.50 -49.15 6.59
C ASN B 18 25.51 -49.84 5.65
N GLY B 19 25.45 -49.36 4.41
CA GLY B 19 24.57 -49.91 3.40
C GLY B 19 23.19 -49.31 3.34
N LYS B 20 22.80 -48.52 4.34
CA LYS B 20 21.46 -47.93 4.40
C LYS B 20 21.53 -46.46 4.03
N SER B 21 20.64 -46.03 3.14
CA SER B 21 20.66 -44.66 2.65
C SER B 21 20.36 -43.67 3.78
N ASN B 22 20.86 -42.45 3.61
CA ASN B 22 20.82 -41.43 4.65
C ASN B 22 21.00 -40.07 3.99
N PHE B 23 21.16 -39.03 4.79
CA PHE B 23 21.46 -37.70 4.31
C PHE B 23 22.71 -37.18 5.01
N LEU B 24 23.64 -36.65 4.22
CA LEU B 24 24.88 -36.08 4.74
C LEU B 24 24.68 -34.57 4.88
N ASN B 25 24.72 -34.08 6.12
CA ASN B 25 24.49 -32.68 6.40
C ASN B 25 25.80 -31.97 6.71
N CYS B 26 25.88 -30.71 6.28
CA CYS B 26 26.95 -29.80 6.70
C CYS B 26 26.30 -28.49 7.10
N TYR B 27 26.26 -28.22 8.40
CA TYR B 27 25.56 -27.06 8.95
C TYR B 27 26.58 -25.99 9.29
N VAL B 28 26.55 -24.88 8.56
CA VAL B 28 27.40 -23.73 8.82
C VAL B 28 26.56 -22.66 9.47
N SER B 29 27.10 -22.03 10.52
CA SER B 29 26.36 -21.03 11.27
C SER B 29 27.34 -20.06 11.92
N GLY B 30 26.79 -19.02 12.54
CA GLY B 30 27.60 -18.06 13.27
C GLY B 30 28.56 -17.26 12.43
N PHE B 31 28.30 -17.11 11.14
CA PHE B 31 29.24 -16.45 10.24
C PHE B 31 28.63 -15.17 9.67
N HIS B 32 29.51 -14.31 9.19
CA HIS B 32 29.17 -13.04 8.56
C HIS B 32 30.35 -12.58 7.72
N PRO B 33 30.14 -12.13 6.48
CA PRO B 33 28.85 -12.00 5.79
C PRO B 33 28.29 -13.34 5.29
N SER B 34 27.18 -13.26 4.54
CA SER B 34 26.45 -14.46 4.14
C SER B 34 27.08 -15.21 2.99
N ASP B 35 27.90 -14.54 2.17
CA ASP B 35 28.54 -15.21 1.04
C ASP B 35 29.47 -16.30 1.55
N ILE B 36 29.15 -17.55 1.20
CA ILE B 36 29.88 -18.69 1.71
C ILE B 36 29.79 -19.82 0.69
N GLU B 37 30.81 -20.67 0.66
CA GLU B 37 30.84 -21.84 -0.20
C GLU B 37 30.96 -23.09 0.66
N VAL B 38 30.18 -24.11 0.31
CA VAL B 38 30.15 -25.37 1.04
C VAL B 38 30.09 -26.51 0.05
N ASP B 39 31.13 -27.34 0.03
CA ASP B 39 31.16 -28.56 -0.77
C ASP B 39 31.11 -29.78 0.14
N LEU B 40 30.41 -30.81 -0.31
CA LEU B 40 30.38 -32.11 0.36
C LEU B 40 31.25 -33.07 -0.44
N LEU B 41 32.16 -33.75 0.25
CA LEU B 41 33.18 -34.56 -0.40
C LEU B 41 32.97 -36.04 -0.10
N LYS B 42 33.20 -36.88 -1.10
CA LYS B 42 33.23 -38.33 -0.95
C LYS B 42 34.59 -38.80 -1.46
N ASN B 43 35.43 -39.26 -0.52
CA ASN B 43 36.79 -39.73 -0.83
C ASN B 43 37.62 -38.63 -1.50
N GLY B 44 37.34 -37.38 -1.18
CA GLY B 44 38.08 -36.26 -1.71
C GLY B 44 37.53 -35.64 -2.98
N GLU B 45 36.34 -36.04 -3.42
CA GLU B 45 35.76 -35.54 -4.65
C GLU B 45 34.41 -34.89 -4.37
N ARG B 46 34.10 -33.84 -5.13
CA ARG B 46 32.84 -33.12 -4.95
C ARG B 46 31.65 -34.02 -5.23
N ILE B 47 30.71 -34.05 -4.30
CA ILE B 47 29.44 -34.74 -4.53
C ILE B 47 28.56 -33.87 -5.40
N GLU B 48 27.93 -34.48 -6.41
CA GLU B 48 27.23 -33.76 -7.46
C GLU B 48 26.00 -33.00 -6.94
N LYS B 49 24.91 -33.72 -6.71
CA LYS B 49 23.63 -33.10 -6.37
C LYS B 49 23.63 -32.72 -4.90
N VAL B 50 23.94 -31.47 -4.60
CA VAL B 50 23.96 -30.94 -3.24
C VAL B 50 23.03 -29.72 -3.19
N GLU B 51 22.05 -29.76 -2.30
CA GLU B 51 21.13 -28.65 -2.09
C GLU B 51 21.46 -27.95 -0.78
N HIS B 52 20.78 -26.82 -0.56
CA HIS B 52 20.99 -26.06 0.67
C HIS B 52 19.70 -25.36 1.06
N SER B 53 19.57 -25.10 2.35
CA SER B 53 18.39 -24.43 2.88
C SER B 53 18.43 -22.95 2.49
N ASP B 54 17.36 -22.23 2.83
CA ASP B 54 17.28 -20.81 2.54
C ASP B 54 18.00 -20.00 3.62
N LEU B 55 18.66 -18.94 3.19
CA LEU B 55 19.49 -18.15 4.09
C LEU B 55 18.64 -17.51 5.18
N SER B 56 19.05 -17.73 6.44
CA SER B 56 18.41 -17.10 7.58
C SER B 56 19.51 -16.67 8.54
N PHE B 57 19.11 -16.03 9.65
CA PHE B 57 20.08 -15.60 10.63
C PHE B 57 19.42 -15.59 12.01
N SER B 58 20.27 -15.50 13.04
CA SER B 58 19.83 -15.48 14.42
C SER B 58 19.72 -14.04 14.91
N LYS B 59 19.43 -13.90 16.21
CA LYS B 59 19.18 -12.58 16.79
C LYS B 59 20.44 -11.71 16.76
N ASP B 60 21.62 -12.31 16.81
CA ASP B 60 22.87 -11.56 16.71
C ASP B 60 23.30 -11.31 15.27
N TRP B 61 22.42 -11.59 14.31
CA TRP B 61 22.59 -11.34 12.87
C TRP B 61 23.53 -12.33 12.20
N SER B 62 24.02 -13.34 12.91
CA SER B 62 24.88 -14.35 12.30
C SER B 62 24.04 -15.30 11.45
N PHE B 63 24.47 -15.52 10.22
CA PHE B 63 23.74 -16.37 9.29
C PHE B 63 23.95 -17.85 9.61
N TYR B 64 23.04 -18.67 9.09
CA TYR B 64 23.19 -20.12 9.20
C TYR B 64 22.60 -20.77 7.96
N LEU B 65 23.18 -21.89 7.56
CA LEU B 65 22.78 -22.60 6.35
C LEU B 65 22.99 -24.09 6.56
N LEU B 66 22.14 -24.88 5.91
CA LEU B 66 22.22 -26.33 5.96
C LEU B 66 22.44 -26.85 4.54
N TYR B 67 23.62 -27.41 4.28
CA TYR B 67 23.90 -28.09 3.04
C TYR B 67 23.73 -29.59 3.24
N TYR B 68 23.13 -30.27 2.27
CA TYR B 68 22.80 -31.67 2.43
C TYR B 68 22.77 -32.35 1.06
N THR B 69 22.85 -33.68 1.10
CA THR B 69 22.79 -34.50 -0.10
C THR B 69 22.46 -35.92 0.30
N GLU B 70 21.95 -36.69 -0.65
CA GLU B 70 21.71 -38.11 -0.43
C GLU B 70 23.03 -38.86 -0.46
N PHE B 71 23.19 -39.80 0.47
CA PHE B 71 24.40 -40.62 0.48
C PHE B 71 24.12 -41.90 1.23
N THR B 72 24.98 -42.89 1.01
CA THR B 72 24.90 -44.18 1.69
C THR B 72 26.25 -44.46 2.33
N PRO B 73 26.37 -44.34 3.65
CA PRO B 73 27.65 -44.60 4.29
C PRO B 73 28.05 -46.06 4.16
N THR B 74 29.31 -46.29 3.82
CA THR B 74 29.88 -47.63 3.68
C THR B 74 31.10 -47.76 4.57
N GLU B 75 31.71 -48.94 4.55
CA GLU B 75 32.90 -49.19 5.36
C GLU B 75 34.14 -48.54 4.77
N LYS B 76 34.22 -48.42 3.44
CA LYS B 76 35.43 -47.94 2.79
C LYS B 76 35.39 -46.45 2.46
N ASP B 77 34.23 -45.83 2.44
CA ASP B 77 34.09 -44.46 1.98
C ASP B 77 34.28 -43.47 3.12
N GLU B 78 35.00 -42.38 2.83
CA GLU B 78 35.17 -41.27 3.74
C GLU B 78 34.42 -40.05 3.21
N TYR B 79 33.85 -39.27 4.12
CA TYR B 79 33.09 -38.09 3.73
C TYR B 79 33.57 -36.89 4.53
N ALA B 80 33.44 -35.71 3.94
CA ALA B 80 33.89 -34.48 4.57
C ALA B 80 33.07 -33.31 4.04
N CYS B 81 33.30 -32.15 4.64
CA CYS B 81 32.68 -30.91 4.21
C CYS B 81 33.78 -29.86 4.06
N ARG B 82 33.82 -29.22 2.89
CA ARG B 82 34.80 -28.19 2.58
C ARG B 82 34.09 -26.85 2.53
N VAL B 83 34.48 -25.93 3.40
CA VAL B 83 33.82 -24.64 3.55
C VAL B 83 34.82 -23.54 3.23
N ASN B 84 34.38 -22.57 2.44
CA ASN B 84 35.20 -21.41 2.09
C ASN B 84 34.45 -20.14 2.49
N HIS B 85 35.19 -19.20 3.08
CA HIS B 85 34.60 -17.95 3.54
C HIS B 85 35.68 -16.88 3.51
N VAL B 86 35.24 -15.61 3.42
CA VAL B 86 36.17 -14.49 3.36
C VAL B 86 37.06 -14.42 4.58
N THR B 87 36.64 -15.02 5.70
CA THR B 87 37.43 -15.04 6.92
C THR B 87 38.46 -16.16 6.92
N LEU B 88 38.54 -16.97 5.87
CA LEU B 88 39.44 -18.11 5.81
C LEU B 88 40.51 -17.88 4.75
N SER B 89 41.77 -18.05 5.14
CA SER B 89 42.85 -17.97 4.15
C SER B 89 42.85 -19.19 3.24
N GLN B 90 42.37 -20.33 3.73
CA GLN B 90 42.26 -21.57 2.98
C GLN B 90 40.92 -22.21 3.30
N PRO B 91 40.33 -22.92 2.34
CA PRO B 91 39.10 -23.65 2.65
C PRO B 91 39.32 -24.67 3.75
N LYS B 92 38.40 -24.70 4.71
CA LYS B 92 38.51 -25.58 5.86
C LYS B 92 37.77 -26.88 5.57
N ILE B 93 38.49 -28.00 5.63
CA ILE B 93 37.93 -29.32 5.40
C ILE B 93 37.66 -29.98 6.75
N VAL B 94 36.41 -30.39 6.96
CA VAL B 94 36.00 -31.03 8.20
C VAL B 94 35.51 -32.44 7.85
N LYS B 95 36.27 -33.44 8.27
CA LYS B 95 35.91 -34.82 7.97
C LYS B 95 34.68 -35.24 8.76
N TRP B 96 33.84 -36.06 8.14
CA TRP B 96 32.64 -36.57 8.80
C TRP B 96 33.05 -37.65 9.79
N ASP B 97 32.83 -37.37 11.07
CA ASP B 97 33.02 -38.37 12.12
C ASP B 97 31.67 -39.02 12.40
N ARG B 98 31.57 -40.33 12.14
CA ARG B 98 30.33 -41.05 12.39
C ARG B 98 29.91 -41.02 13.84
N ASP B 99 30.79 -40.60 14.74
CA ASP B 99 30.51 -40.52 16.17
C ASP B 99 30.19 -39.11 16.63
N MET B 100 30.13 -38.14 15.72
CA MET B 100 29.81 -36.76 16.07
C MET B 100 28.78 -36.17 15.12
N ALA C 1 3.89 -11.02 5.22
CA ALA C 1 4.87 -9.95 5.43
C ALA C 1 4.19 -8.62 5.67
N ALA C 2 4.97 -7.61 6.06
CA ALA C 2 4.43 -6.31 6.39
C ALA C 2 4.06 -5.53 5.13
N GLY C 3 2.91 -4.88 5.17
CA GLY C 3 2.45 -4.07 4.06
C GLY C 3 2.55 -2.59 4.35
N ILE C 4 2.95 -2.25 5.58
CA ILE C 4 3.15 -0.88 6.01
C ILE C 4 4.36 -0.83 6.93
N GLY C 5 4.86 0.38 7.17
CA GLY C 5 5.97 0.56 8.08
C GLY C 5 7.32 0.11 7.56
N ILE C 6 7.44 -0.14 6.27
CA ILE C 6 8.71 -0.51 5.64
C ILE C 6 9.17 0.69 4.83
N LEU C 7 10.04 1.50 5.42
CA LEU C 7 10.49 2.75 4.83
C LEU C 7 12.01 2.74 4.67
N THR C 8 12.48 3.46 3.66
CA THR C 8 13.92 3.57 3.42
C THR C 8 14.61 4.32 4.56
N VAL C 9 15.85 3.92 4.84
CA VAL C 9 16.62 4.52 5.93
C VAL C 9 17.14 5.90 5.54
N LYS D 2 -14.32 -4.16 -10.42
CA LYS D 2 -13.66 -3.46 -9.33
C LYS D 2 -13.45 -4.35 -8.11
N GLU D 3 -12.19 -4.47 -7.69
CA GLU D 3 -11.85 -5.23 -6.49
C GLU D 3 -12.25 -4.51 -5.21
N VAL D 4 -12.54 -3.21 -5.28
CA VAL D 4 -13.00 -2.43 -4.15
C VAL D 4 -14.33 -1.81 -4.53
N GLU D 5 -15.37 -2.09 -3.74
CA GLU D 5 -16.71 -1.58 -4.00
C GLU D 5 -17.23 -0.80 -2.79
N GLN D 6 -17.96 0.27 -3.08
CA GLN D 6 -18.63 1.07 -2.08
C GLN D 6 -20.14 1.01 -2.31
N ASN D 7 -20.90 1.42 -1.32
CA ASN D 7 -22.35 1.49 -1.47
C ASN D 7 -22.70 2.51 -2.57
N SER D 8 -23.59 2.11 -3.47
CA SER D 8 -23.89 2.93 -4.63
C SER D 8 -24.63 4.19 -4.22
N GLY D 9 -24.28 5.30 -4.86
CA GLY D 9 -24.95 6.56 -4.62
C GLY D 9 -25.93 6.90 -5.73
N PRO D 10 -26.33 8.17 -5.83
CA PRO D 10 -25.92 9.24 -4.92
C PRO D 10 -26.69 9.21 -3.61
N LEU D 11 -26.04 9.63 -2.53
CA LEU D 11 -26.66 9.68 -1.21
C LEU D 11 -27.03 11.11 -0.85
N SER D 12 -28.07 11.25 -0.05
CA SER D 12 -28.61 12.56 0.29
C SER D 12 -28.95 12.61 1.77
N VAL D 13 -28.44 13.64 2.45
CA VAL D 13 -28.62 13.76 3.90
C VAL D 13 -28.80 15.24 4.23
N PRO D 14 -29.69 15.60 5.16
CA PRO D 14 -29.82 17.01 5.53
C PRO D 14 -28.76 17.42 6.54
N GLU D 15 -28.52 18.74 6.59
CA GLU D 15 -27.53 19.29 7.51
C GLU D 15 -27.85 18.89 8.95
N GLY D 16 -26.82 18.43 9.66
CA GLY D 16 -26.96 18.02 11.03
C GLY D 16 -27.29 16.55 11.24
N ALA D 17 -27.61 15.82 10.18
CA ALA D 17 -27.92 14.41 10.30
C ALA D 17 -26.65 13.57 10.11
N ILE D 18 -26.79 12.27 10.35
CA ILE D 18 -25.66 11.34 10.28
C ILE D 18 -25.62 10.72 8.89
N ALA D 19 -24.43 10.70 8.30
CA ALA D 19 -24.20 10.06 7.01
C ALA D 19 -23.29 8.85 7.19
N SER D 20 -23.55 7.79 6.44
CA SER D 20 -22.82 6.54 6.58
C SER D 20 -22.45 6.00 5.20
N LEU D 21 -21.18 5.64 5.04
CA LEU D 21 -20.67 5.06 3.81
C LEU D 21 -19.87 3.82 4.16
N ASN D 22 -20.07 2.76 3.38
CA ASN D 22 -19.37 1.50 3.60
C ASN D 22 -18.54 1.12 2.37
N CYS D 23 -17.71 0.10 2.54
CA CYS D 23 -16.74 -0.26 1.52
C CYS D 23 -16.27 -1.69 1.76
N THR D 24 -16.23 -2.50 0.70
CA THR D 24 -15.77 -3.87 0.77
C THR D 24 -14.64 -4.08 -0.23
N TYR D 25 -13.83 -5.11 0.03
CA TYR D 25 -12.68 -5.42 -0.81
C TYR D 25 -12.49 -6.94 -0.84
N SER D 26 -11.74 -7.39 -1.85
CA SER D 26 -11.59 -8.81 -2.11
C SER D 26 -10.31 -9.42 -1.53
N TYR D 27 -9.25 -8.63 -1.38
CA TYR D 27 -7.97 -9.14 -0.89
C TYR D 27 -8.01 -9.20 0.63
N ARG D 28 -8.10 -10.41 1.17
CA ARG D 28 -8.20 -10.58 2.62
C ARG D 28 -6.95 -10.13 3.36
N GLY D 29 -5.80 -10.12 2.71
CA GLY D 29 -4.56 -9.72 3.33
C GLY D 29 -4.28 -8.24 3.35
N SER D 30 -5.25 -7.41 2.99
CA SER D 30 -5.03 -5.96 2.98
C SER D 30 -4.73 -5.45 4.37
N GLN D 31 -3.83 -4.46 4.45
CA GLN D 31 -3.35 -3.97 5.73
C GLN D 31 -3.55 -2.47 5.96
N SER D 32 -3.95 -1.71 4.95
CA SER D 32 -4.19 -0.28 5.12
C SER D 32 -5.40 0.14 4.30
N PHE D 33 -6.19 1.04 4.88
CA PHE D 33 -7.48 1.43 4.32
C PHE D 33 -7.67 2.93 4.50
N PHE D 34 -8.18 3.60 3.47
CA PHE D 34 -8.21 5.04 3.44
C PHE D 34 -9.56 5.56 2.96
N TRP D 35 -10.00 6.67 3.54
CA TRP D 35 -11.22 7.36 3.13
C TRP D 35 -10.84 8.73 2.58
N TYR D 36 -11.12 8.95 1.31
CA TYR D 36 -10.78 10.19 0.63
C TYR D 36 -12.04 10.98 0.30
N ARG D 37 -11.89 12.30 0.26
CA ARG D 37 -12.96 13.22 -0.10
C ARG D 37 -12.54 14.00 -1.35
N GLN D 38 -13.45 14.12 -2.31
CA GLN D 38 -13.16 14.79 -3.57
C GLN D 38 -14.28 15.75 -3.91
N TYR D 39 -13.96 17.03 -4.00
CA TYR D 39 -14.91 18.01 -4.50
C TYR D 39 -14.91 18.00 -6.03
N SER D 40 -15.97 18.58 -6.60
CA SER D 40 -16.15 18.56 -8.04
C SER D 40 -15.01 19.30 -8.73
N GLY D 41 -14.31 18.59 -9.62
CA GLY D 41 -13.21 19.19 -10.35
C GLY D 41 -11.97 19.44 -9.52
N LYS D 42 -11.78 18.71 -8.42
CA LYS D 42 -10.64 18.87 -7.55
C LYS D 42 -9.96 17.52 -7.34
N SER D 43 -8.92 17.51 -6.50
CA SER D 43 -8.09 16.37 -6.17
C SER D 43 -8.64 15.63 -4.95
N PRO D 44 -8.45 14.31 -4.89
CA PRO D 44 -8.86 13.57 -3.70
C PRO D 44 -8.07 14.01 -2.47
N GLU D 45 -8.79 14.24 -1.38
CA GLU D 45 -8.21 14.68 -0.11
C GLU D 45 -8.52 13.65 0.96
N LEU D 46 -7.51 13.32 1.76
CA LEU D 46 -7.68 12.26 2.76
C LEU D 46 -8.49 12.75 3.94
N ILE D 47 -9.45 11.93 4.37
CA ILE D 47 -10.22 12.19 5.58
C ILE D 47 -9.58 11.44 6.74
N MET D 48 -9.55 10.11 6.62
CA MET D 48 -9.00 9.26 7.67
C MET D 48 -8.34 8.05 7.04
N PHE D 49 -7.41 7.46 7.79
CA PHE D 49 -6.86 6.15 7.50
C PHE D 49 -7.06 5.25 8.72
N ILE D 50 -7.13 3.95 8.48
CA ILE D 50 -7.23 2.98 9.56
C ILE D 50 -6.45 1.74 9.18
N TYR D 51 -5.72 1.18 10.15
CA TYR D 51 -4.92 -0.02 9.96
C TYR D 51 -5.46 -1.23 10.70
N SER D 52 -5.99 -1.03 11.90
CA SER D 52 -6.38 -2.11 12.79
C SER D 52 -7.89 -2.22 12.87
N ASN D 53 -8.36 -3.41 13.22
CA ASN D 53 -9.79 -3.63 13.42
C ASN D 53 -10.32 -2.75 14.55
N GLY D 54 -11.58 -2.39 14.45
CA GLY D 54 -12.26 -1.60 15.47
C GLY D 54 -12.68 -0.24 14.93
N ASP D 55 -13.01 0.65 15.87
CA ASP D 55 -13.47 1.99 15.56
C ASP D 55 -12.34 2.99 15.75
N LYS D 56 -12.34 4.02 14.90
CA LYS D 56 -11.38 5.12 14.99
C LYS D 56 -12.14 6.43 14.83
N GLU D 57 -12.10 7.27 15.86
CA GLU D 57 -12.86 8.51 15.89
C GLU D 57 -11.93 9.70 15.75
N ASP D 58 -12.31 10.64 14.89
CA ASP D 58 -11.56 11.89 14.72
C ASP D 58 -12.59 13.00 14.51
N GLY D 59 -12.93 13.70 15.58
CA GLY D 59 -13.92 14.76 15.50
C GLY D 59 -15.30 14.22 15.18
N ARG D 60 -15.88 14.68 14.07
CA ARG D 60 -17.19 14.22 13.66
C ARG D 60 -17.15 12.92 12.86
N PHE D 61 -15.96 12.41 12.56
CA PHE D 61 -15.80 11.24 11.71
C PHE D 61 -15.43 10.02 12.53
N THR D 62 -16.06 8.90 12.22
CA THR D 62 -15.75 7.61 12.84
C THR D 62 -15.58 6.58 11.74
N ALA D 63 -14.40 5.96 11.68
CA ALA D 63 -14.13 4.88 10.75
C ALA D 63 -14.20 3.55 11.46
N GLN D 64 -14.68 2.53 10.75
CA GLN D 64 -14.77 1.18 11.28
C GLN D 64 -14.14 0.21 10.30
N LEU D 65 -13.29 -0.68 10.81
CA LEU D 65 -12.62 -1.69 10.00
C LEU D 65 -12.92 -3.07 10.57
N ASN D 66 -13.24 -4.01 9.68
CA ASN D 66 -13.47 -5.41 10.05
C ASN D 66 -12.79 -6.27 8.99
N LYS D 67 -11.59 -6.75 9.30
CA LYS D 67 -10.83 -7.55 8.34
C LYS D 67 -11.50 -8.88 8.06
N ALA D 68 -12.10 -9.50 9.08
CA ALA D 68 -12.74 -10.80 8.90
C ALA D 68 -13.82 -10.75 7.83
N SER D 69 -14.64 -9.70 7.83
CA SER D 69 -15.66 -9.54 6.81
C SER D 69 -15.20 -8.66 5.65
N GLN D 70 -13.95 -8.21 5.67
CA GLN D 70 -13.38 -7.38 4.60
C GLN D 70 -14.27 -6.16 4.33
N TYR D 71 -14.44 -5.35 5.37
CA TYR D 71 -15.44 -4.30 5.39
C TYR D 71 -14.85 -3.04 6.02
N VAL D 72 -15.01 -1.91 5.33
CA VAL D 72 -14.58 -0.61 5.83
C VAL D 72 -15.76 0.34 5.72
N SER D 73 -15.96 1.17 6.73
CA SER D 73 -17.06 2.13 6.73
C SER D 73 -16.58 3.47 7.27
N LEU D 74 -17.39 4.50 7.00
CA LEU D 74 -17.14 5.84 7.49
C LEU D 74 -18.44 6.44 7.96
N LEU D 75 -18.44 6.93 9.21
CA LEU D 75 -19.61 7.57 9.79
C LEU D 75 -19.34 9.06 9.96
N ILE D 76 -20.24 9.88 9.44
CA ILE D 76 -20.13 11.34 9.52
C ILE D 76 -21.26 11.85 10.39
N ARG D 77 -20.91 12.39 11.55
CA ARG D 77 -21.89 13.01 12.45
C ARG D 77 -22.00 14.50 12.14
N ASP D 78 -23.22 15.02 12.30
CA ASP D 78 -23.49 16.46 12.15
C ASP D 78 -23.03 16.96 10.79
N SER D 79 -23.64 16.40 9.74
CA SER D 79 -23.21 16.66 8.37
C SER D 79 -23.27 18.14 8.04
N GLN D 80 -22.15 18.68 7.59
CA GLN D 80 -21.98 20.09 7.24
C GLN D 80 -22.07 20.29 5.73
N PRO D 81 -22.31 21.52 5.28
CA PRO D 81 -22.32 21.76 3.82
C PRO D 81 -21.01 21.41 3.15
N SER D 82 -19.88 21.55 3.85
CA SER D 82 -18.59 21.19 3.27
C SER D 82 -18.39 19.69 3.15
N ASP D 83 -19.24 18.88 3.79
CA ASP D 83 -19.16 17.43 3.65
C ASP D 83 -19.72 16.95 2.31
N SER D 84 -20.37 17.81 1.54
CA SER D 84 -20.89 17.43 0.23
C SER D 84 -19.72 17.21 -0.72
N ALA D 85 -19.49 15.96 -1.11
CA ALA D 85 -18.39 15.60 -1.98
C ALA D 85 -18.59 14.18 -2.45
N THR D 86 -17.67 13.72 -3.30
CA THR D 86 -17.59 12.31 -3.69
C THR D 86 -16.59 11.63 -2.78
N TYR D 87 -17.02 10.58 -2.09
CA TYR D 87 -16.20 9.89 -1.11
C TYR D 87 -15.60 8.64 -1.74
N LEU D 88 -14.28 8.50 -1.61
CA LEU D 88 -13.53 7.44 -2.27
C LEU D 88 -12.87 6.55 -1.23
N CYS D 89 -13.11 5.24 -1.35
CA CYS D 89 -12.50 4.23 -0.50
C CYS D 89 -11.27 3.67 -1.19
N ALA D 90 -10.13 3.64 -0.48
CA ALA D 90 -8.88 3.14 -1.02
C ALA D 90 -8.34 2.02 -0.14
N VAL D 91 -7.97 0.91 -0.76
CA VAL D 91 -7.45 -0.26 -0.05
C VAL D 91 -6.16 -0.69 -0.75
N ASN D 92 -5.12 -0.94 0.03
CA ASN D 92 -3.83 -1.37 -0.50
C ASN D 92 -3.80 -2.89 -0.60
N PHE D 93 -3.55 -3.40 -1.81
CA PHE D 93 -3.53 -4.84 -2.07
C PHE D 93 -2.12 -5.42 -2.03
N GLY D 94 -1.21 -4.78 -1.29
CA GLY D 94 0.17 -5.24 -1.23
C GLY D 94 1.08 -4.48 -2.15
N GLY D 95 2.23 -4.04 -1.65
CA GLY D 95 3.10 -3.20 -2.45
C GLY D 95 2.45 -1.86 -2.74
N GLY D 96 2.70 -1.34 -3.93
CA GLY D 96 2.14 -0.06 -4.33
C GLY D 96 0.81 -0.19 -5.06
N LYS D 97 0.14 -1.32 -4.89
CA LYS D 97 -1.13 -1.56 -5.56
C LYS D 97 -2.28 -1.04 -4.69
N LEU D 98 -2.40 0.29 -4.68
CA LEU D 98 -3.44 0.98 -3.93
C LEU D 98 -4.67 1.09 -4.82
N ILE D 99 -5.72 0.34 -4.50
CA ILE D 99 -6.91 0.23 -5.31
C ILE D 99 -8.03 1.06 -4.69
N PHE D 100 -8.71 1.85 -5.50
CA PHE D 100 -9.83 2.66 -5.07
C PHE D 100 -11.15 2.02 -5.46
N GLY D 101 -12.22 2.47 -4.82
CA GLY D 101 -13.57 2.07 -5.16
C GLY D 101 -14.12 2.91 -6.30
N GLN D 102 -15.41 2.70 -6.59
CA GLN D 102 -16.06 3.48 -7.62
C GLN D 102 -16.51 4.85 -7.13
N GLY D 103 -16.46 5.10 -5.84
CA GLY D 103 -16.86 6.38 -5.30
C GLY D 103 -18.35 6.43 -4.96
N THR D 104 -18.67 7.21 -3.93
CA THR D 104 -20.05 7.41 -3.50
C THR D 104 -20.29 8.91 -3.35
N GLU D 105 -21.25 9.42 -4.12
CA GLU D 105 -21.57 10.84 -4.06
C GLU D 105 -22.49 11.12 -2.87
N LEU D 106 -22.11 12.09 -2.05
CA LEU D 106 -22.87 12.48 -0.86
C LEU D 106 -23.23 13.96 -0.97
N SER D 107 -24.52 14.26 -0.78
CA SER D 107 -25.02 15.62 -0.87
C SER D 107 -25.64 16.00 0.47
N VAL D 108 -25.08 17.03 1.10
CA VAL D 108 -25.63 17.57 2.34
C VAL D 108 -26.54 18.73 1.97
N LYS D 109 -27.86 18.52 2.14
CA LYS D 109 -28.90 19.44 1.70
C LYS D 109 -29.22 20.46 2.79
N PRO D 110 -29.56 21.69 2.39
CA PRO D 110 -29.95 22.69 3.37
C PRO D 110 -31.33 22.42 3.92
N ASN D 111 -31.57 22.93 5.13
CA ASN D 111 -32.85 22.79 5.82
C ASN D 111 -33.67 24.05 5.56
N ILE D 112 -34.53 23.99 4.55
CA ILE D 112 -35.37 25.13 4.18
C ILE D 112 -36.54 25.15 5.15
N GLN D 113 -36.57 26.16 6.02
CA GLN D 113 -37.60 26.21 7.06
C GLN D 113 -38.97 26.53 6.48
N ASN D 114 -39.05 27.54 5.62
CA ASN D 114 -40.30 27.96 5.00
C ASN D 114 -40.09 28.05 3.50
N PRO D 115 -40.18 26.93 2.79
CA PRO D 115 -39.97 26.96 1.34
C PRO D 115 -41.11 27.66 0.63
N ASP D 116 -40.77 28.37 -0.45
CA ASP D 116 -41.74 29.07 -1.28
C ASP D 116 -41.45 28.71 -2.73
N PRO D 117 -41.83 27.51 -3.16
CA PRO D 117 -41.48 27.05 -4.51
C PRO D 117 -42.15 27.90 -5.58
N ALA D 118 -41.39 28.17 -6.64
CA ALA D 118 -41.88 28.99 -7.74
C ALA D 118 -41.06 28.69 -8.98
N VAL D 119 -41.64 28.99 -10.14
CA VAL D 119 -40.99 28.82 -11.42
C VAL D 119 -41.04 30.16 -12.14
N TYR D 120 -39.88 30.78 -12.34
CA TYR D 120 -39.78 32.06 -13.00
C TYR D 120 -39.19 31.89 -14.40
N GLN D 121 -39.55 32.80 -15.30
CA GLN D 121 -39.02 32.82 -16.66
C GLN D 121 -38.07 33.99 -16.78
N LEU D 122 -36.84 33.71 -17.20
CA LEU D 122 -35.78 34.71 -17.31
C LEU D 122 -35.38 34.84 -18.76
N ARG D 123 -35.37 36.07 -19.26
CA ARG D 123 -35.05 36.34 -20.65
C ARG D 123 -33.63 36.91 -20.76
N ASP D 124 -33.01 36.69 -21.93
CA ASP D 124 -31.62 37.09 -22.13
C ASP D 124 -31.45 38.59 -21.95
N SER D 125 -32.41 39.38 -22.47
CA SER D 125 -32.44 40.81 -22.24
C SER D 125 -33.90 41.23 -22.20
N LYS D 126 -34.13 42.53 -21.97
CA LYS D 126 -35.51 43.02 -21.89
C LYS D 126 -36.23 42.88 -23.23
N SER D 127 -35.49 42.95 -24.34
CA SER D 127 -36.08 42.89 -25.67
C SER D 127 -35.90 41.54 -26.35
N SER D 128 -35.36 40.55 -25.64
CA SER D 128 -35.07 39.25 -26.23
C SER D 128 -36.20 38.27 -25.98
N ASP D 129 -36.37 37.33 -26.91
CA ASP D 129 -37.31 36.24 -26.75
C ASP D 129 -36.66 34.98 -26.20
N LYS D 130 -35.33 34.87 -26.30
CA LYS D 130 -34.62 33.74 -25.71
C LYS D 130 -34.76 33.77 -24.20
N SER D 131 -35.21 32.65 -23.63
CA SER D 131 -35.50 32.61 -22.20
C SER D 131 -35.18 31.24 -21.64
N VAL D 132 -35.02 31.19 -20.31
CA VAL D 132 -34.84 29.96 -19.56
C VAL D 132 -35.84 29.93 -18.42
N CYS D 133 -35.92 28.78 -17.76
CA CYS D 133 -36.85 28.57 -16.65
C CYS D 133 -36.07 28.29 -15.37
N LEU D 134 -36.51 28.90 -14.28
CA LEU D 134 -35.83 28.80 -12.99
C LEU D 134 -36.82 28.29 -11.94
N PHE D 135 -36.68 27.02 -11.58
CA PHE D 135 -37.41 26.44 -10.45
C PHE D 135 -36.56 26.62 -9.21
N THR D 136 -37.04 27.42 -8.25
CA THR D 136 -36.22 27.82 -7.11
C THR D 136 -37.03 27.82 -5.83
N ASP D 137 -36.31 27.93 -4.71
CA ASP D 137 -36.89 28.13 -3.38
C ASP D 137 -37.78 26.97 -2.94
N PHE D 138 -37.42 25.75 -3.34
CA PHE D 138 -38.16 24.56 -2.92
C PHE D 138 -37.39 23.82 -1.83
N ASP D 139 -38.11 22.97 -1.11
CA ASP D 139 -37.51 22.22 -0.02
C ASP D 139 -36.52 21.19 -0.54
N SER D 140 -35.63 20.74 0.34
CA SER D 140 -34.57 19.82 -0.05
C SER D 140 -35.10 18.42 -0.36
N GLN D 141 -36.28 18.06 0.15
CA GLN D 141 -36.86 16.76 -0.18
C GLN D 141 -37.34 16.71 -1.62
N THR D 142 -37.65 17.86 -2.20
CA THR D 142 -38.08 17.90 -3.60
C THR D 142 -36.89 17.63 -4.52
N ASN D 143 -37.11 16.79 -5.53
CA ASN D 143 -36.09 16.53 -6.53
C ASN D 143 -36.73 16.09 -7.85
N VAL D 152 -36.00 19.60 -24.70
CA VAL D 152 -36.09 20.19 -23.37
C VAL D 152 -34.96 19.66 -22.48
N TYR D 153 -34.25 20.58 -21.83
CA TYR D 153 -33.12 20.24 -20.97
C TYR D 153 -33.41 20.69 -19.55
N ILE D 154 -33.03 19.87 -18.59
CA ILE D 154 -33.20 20.17 -17.16
C ILE D 154 -31.90 19.86 -16.45
N THR D 155 -31.40 20.83 -15.70
CA THR D 155 -30.17 20.64 -14.94
C THR D 155 -30.47 20.02 -13.58
N ASP D 156 -29.41 19.56 -12.91
CA ASP D 156 -29.54 19.17 -11.52
C ASP D 156 -29.73 20.41 -10.65
N LYS D 157 -30.08 20.19 -9.39
CA LYS D 157 -30.26 21.28 -8.44
C LYS D 157 -28.97 21.49 -7.66
N CYS D 158 -28.55 22.75 -7.55
CA CYS D 158 -27.42 23.12 -6.70
C CYS D 158 -27.90 24.09 -5.62
N VAL D 159 -27.21 24.05 -4.49
CA VAL D 159 -27.57 24.85 -3.33
C VAL D 159 -26.83 26.18 -3.42
N LEU D 160 -27.59 27.27 -3.37
CA LEU D 160 -27.04 28.62 -3.40
C LEU D 160 -27.00 29.19 -2.00
N ASP D 161 -25.96 29.97 -1.70
CA ASP D 161 -25.75 30.49 -0.35
C ASP D 161 -25.44 31.98 -0.43
N MET D 162 -26.38 32.81 0.01
CA MET D 162 -26.16 34.25 0.15
C MET D 162 -25.64 34.49 1.56
N ARG D 163 -24.31 34.45 1.71
CA ARG D 163 -23.70 34.53 3.03
C ARG D 163 -24.00 35.86 3.73
N SER D 164 -24.10 36.94 2.96
CA SER D 164 -24.36 38.25 3.56
C SER D 164 -25.73 38.31 4.23
N MET D 165 -26.70 37.56 3.70
CA MET D 165 -28.06 37.55 4.23
C MET D 165 -28.38 36.30 5.03
N ASP D 166 -27.44 35.37 5.17
CA ASP D 166 -27.68 34.09 5.84
C ASP D 166 -28.90 33.40 5.23
N PHE D 167 -28.87 33.24 3.91
CA PHE D 167 -29.99 32.70 3.16
C PHE D 167 -29.49 31.65 2.18
N LYS D 168 -30.10 30.47 2.22
CA LYS D 168 -29.79 29.40 1.29
C LYS D 168 -31.06 29.00 0.53
N SER D 169 -30.87 28.57 -0.72
CA SER D 169 -32.01 28.18 -1.54
C SER D 169 -31.56 27.19 -2.60
N ASN D 170 -32.45 26.27 -2.93
CA ASN D 170 -32.26 25.34 -4.02
C ASN D 170 -32.78 25.93 -5.33
N SER D 171 -32.25 25.44 -6.45
CA SER D 171 -32.66 25.95 -7.74
C SER D 171 -32.28 24.96 -8.83
N ALA D 172 -33.11 24.91 -9.86
CA ALA D 172 -32.83 24.16 -11.07
C ALA D 172 -33.16 25.03 -12.27
N VAL D 173 -32.44 24.82 -13.36
CA VAL D 173 -32.59 25.60 -14.59
C VAL D 173 -33.03 24.68 -15.72
N ALA D 174 -33.92 25.17 -16.56
CA ALA D 174 -34.42 24.40 -17.70
C ALA D 174 -34.57 25.31 -18.91
N TRP D 175 -34.40 24.73 -20.08
CA TRP D 175 -34.57 25.45 -21.34
C TRP D 175 -34.85 24.43 -22.44
N SER D 176 -35.12 24.94 -23.65
CA SER D 176 -35.40 24.08 -24.80
C SER D 176 -35.10 24.88 -26.06
N ASN D 177 -35.44 24.29 -27.21
CA ASN D 177 -35.17 24.90 -28.51
C ASN D 177 -36.41 25.47 -29.17
N LYS D 178 -37.59 24.95 -28.86
CA LYS D 178 -38.82 25.42 -29.48
C LYS D 178 -39.20 26.79 -28.93
N SER D 179 -39.65 27.67 -29.82
CA SER D 179 -40.05 29.01 -29.43
C SER D 179 -41.32 28.97 -28.59
N ASP D 180 -41.49 29.99 -27.76
CA ASP D 180 -42.65 30.11 -26.87
C ASP D 180 -42.77 28.87 -25.98
N PHE D 181 -41.64 28.39 -25.49
CA PHE D 181 -41.63 27.24 -24.58
C PHE D 181 -42.15 27.67 -23.23
N ALA D 182 -43.30 27.14 -22.84
CA ALA D 182 -43.90 27.50 -21.56
C ALA D 182 -43.13 26.86 -20.42
N CYS D 183 -42.67 27.67 -19.47
CA CYS D 183 -41.98 27.14 -18.30
C CYS D 183 -42.89 26.27 -17.45
N ALA D 184 -44.21 26.41 -17.58
CA ALA D 184 -45.12 25.57 -16.82
C ALA D 184 -45.08 24.12 -17.27
N ASN D 185 -44.56 23.85 -18.47
CA ASN D 185 -44.44 22.48 -18.96
C ASN D 185 -43.36 21.72 -18.20
N ILE D 192 -42.90 17.85 -8.55
CA ILE D 192 -43.09 19.28 -8.37
C ILE D 192 -44.08 19.53 -7.23
N PRO D 193 -43.70 20.41 -6.29
CA PRO D 193 -44.62 20.74 -5.20
C PRO D 193 -45.91 21.35 -5.72
N GLU D 194 -47.02 20.97 -5.08
CA GLU D 194 -48.34 21.40 -5.55
C GLU D 194 -48.58 22.88 -5.33
N ASP D 195 -47.89 23.51 -4.40
CA ASP D 195 -48.04 24.94 -4.14
C ASP D 195 -46.99 25.77 -4.87
N THR D 196 -46.42 25.25 -5.95
CA THR D 196 -45.42 26.00 -6.72
C THR D 196 -46.09 27.19 -7.39
N PHE D 197 -45.45 28.36 -7.25
CA PHE D 197 -46.00 29.60 -7.79
C PHE D 197 -45.62 29.76 -9.26
N PHE D 198 -46.64 29.94 -10.11
CA PHE D 198 -46.45 30.14 -11.55
C PHE D 198 -47.04 31.48 -11.94
N PRO D 199 -46.24 32.55 -11.96
CA PRO D 199 -46.76 33.86 -12.35
C PRO D 199 -47.08 33.91 -13.83
N SER D 200 -47.89 34.90 -14.20
CA SER D 200 -48.28 35.08 -15.59
C SER D 200 -47.81 36.44 -16.12
N GLY E 4 5.53 19.87 -1.97
CA GLY E 4 4.38 19.08 -2.37
C GLY E 4 4.58 18.32 -3.67
N ILE E 5 3.48 17.94 -4.31
CA ILE E 5 3.50 17.19 -5.55
C ILE E 5 2.75 17.98 -6.61
N THR E 6 3.38 18.19 -7.76
CA THR E 6 2.80 18.96 -8.84
C THR E 6 2.68 18.11 -10.10
N GLN E 7 1.68 18.45 -10.91
CA GLN E 7 1.31 17.67 -12.08
C GLN E 7 1.08 18.63 -13.24
N ALA E 8 1.58 18.27 -14.42
CA ALA E 8 1.50 19.14 -15.58
C ALA E 8 1.53 18.33 -16.86
N PRO E 9 0.71 18.70 -17.87
CA PRO E 9 -0.23 19.82 -17.79
C PRO E 9 -1.53 19.43 -17.09
N THR E 10 -2.42 20.39 -16.87
CA THR E 10 -3.70 20.13 -16.22
C THR E 10 -4.85 19.98 -17.22
N SER E 11 -4.62 20.30 -18.49
CA SER E 11 -5.64 20.15 -19.52
C SER E 11 -4.95 19.91 -20.85
N GLN E 12 -5.46 18.95 -21.62
CA GLN E 12 -4.86 18.60 -22.89
C GLN E 12 -5.90 17.99 -23.81
N ILE E 13 -5.89 18.41 -25.07
CA ILE E 13 -6.69 17.80 -26.12
C ILE E 13 -5.73 17.13 -27.10
N LEU E 14 -5.95 15.85 -27.37
CA LEU E 14 -5.06 15.06 -28.18
C LEU E 14 -5.78 14.48 -29.38
N ALA E 15 -5.12 14.51 -30.53
CA ALA E 15 -5.60 13.77 -31.69
C ALA E 15 -5.21 12.30 -31.56
N ALA E 16 -6.07 11.43 -32.08
CA ALA E 16 -5.83 9.99 -31.97
C ALA E 16 -4.54 9.62 -32.69
N GLY E 17 -3.74 8.77 -32.04
CA GLY E 17 -2.48 8.32 -32.59
C GLY E 17 -1.27 9.12 -32.15
N ARG E 18 -1.46 10.29 -31.56
CA ARG E 18 -0.35 11.10 -31.10
C ARG E 18 0.17 10.58 -29.75
N ARG E 19 1.44 10.91 -29.47
CA ARG E 19 2.08 10.53 -28.23
C ARG E 19 2.08 11.72 -27.28
N MET E 20 1.84 11.45 -26.00
CA MET E 20 1.73 12.49 -24.98
C MET E 20 2.34 12.00 -23.68
N THR E 21 3.08 12.87 -23.00
CA THR E 21 3.68 12.57 -21.70
C THR E 21 3.22 13.60 -20.69
N LEU E 22 2.62 13.13 -19.60
CA LEU E 22 2.22 13.99 -18.50
C LEU E 22 3.31 13.99 -17.44
N ARG E 23 3.67 15.18 -16.95
CA ARG E 23 4.72 15.31 -15.95
C ARG E 23 4.14 15.20 -14.55
N CYS E 24 4.96 14.67 -13.64
CA CYS E 24 4.61 14.63 -12.22
C CYS E 24 5.90 14.66 -11.42
N THR E 25 6.02 15.63 -10.52
CA THR E 25 7.21 15.79 -9.69
C THR E 25 6.80 15.91 -8.23
N GLN E 26 7.65 15.37 -7.35
CA GLN E 26 7.38 15.34 -5.93
C GLN E 26 8.69 15.56 -5.18
N ASP E 27 8.71 16.54 -4.28
CA ASP E 27 9.90 16.87 -3.50
C ASP E 27 9.73 16.55 -2.02
N MET E 28 8.80 15.68 -1.65
CA MET E 28 8.56 15.31 -0.27
C MET E 28 9.37 14.09 0.16
N ARG E 29 10.35 13.67 -0.65
CA ARG E 29 11.16 12.48 -0.38
C ARG E 29 10.29 11.22 -0.26
N HIS E 30 9.21 11.18 -1.02
CA HIS E 30 8.32 10.02 -1.02
C HIS E 30 8.85 8.95 -1.97
N ASN E 31 8.78 7.69 -1.53
CA ASN E 31 9.29 6.58 -2.32
C ASN E 31 8.27 6.05 -3.31
N ALA E 32 7.02 5.88 -2.88
CA ALA E 32 5.96 5.33 -3.72
C ALA E 32 5.25 6.45 -4.47
N MET E 33 5.05 6.26 -5.77
CA MET E 33 4.31 7.19 -6.60
C MET E 33 3.31 6.41 -7.45
N TYR E 34 2.23 7.08 -7.85
CA TYR E 34 1.10 6.41 -8.46
C TYR E 34 0.54 7.23 -9.62
N TRP E 35 -0.16 6.55 -10.53
CA TRP E 35 -0.90 7.18 -11.60
C TRP E 35 -2.28 6.55 -11.70
N TYR E 36 -3.32 7.40 -11.67
CA TYR E 36 -4.71 6.95 -11.75
C TYR E 36 -5.42 7.64 -12.91
N ARG E 37 -6.52 7.04 -13.33
CA ARG E 37 -7.49 7.69 -14.21
C ARG E 37 -8.86 7.58 -13.59
N GLN E 38 -9.65 8.66 -13.68
CA GLN E 38 -10.97 8.72 -13.08
C GLN E 38 -12.03 8.78 -14.16
N ASP E 39 -12.99 7.86 -14.08
CA ASP E 39 -14.08 7.77 -15.04
C ASP E 39 -15.39 7.61 -14.30
N LEU E 40 -16.47 8.11 -14.90
CA LEU E 40 -17.77 8.10 -14.25
C LEU E 40 -18.22 6.67 -13.99
N GLY E 41 -18.67 6.41 -12.76
CA GLY E 41 -19.12 5.10 -12.37
C GLY E 41 -18.03 4.11 -12.03
N LEU E 42 -16.76 4.50 -12.13
CA LEU E 42 -15.65 3.61 -11.83
C LEU E 42 -14.67 4.17 -10.81
N GLY E 43 -14.80 5.43 -10.40
CA GLY E 43 -13.87 5.99 -9.43
C GLY E 43 -12.47 6.10 -10.01
N LEU E 44 -11.48 5.85 -9.16
CA LEU E 44 -10.08 5.88 -9.56
C LEU E 44 -9.61 4.48 -9.93
N ARG E 45 -8.88 4.39 -11.03
CA ARG E 45 -8.35 3.13 -11.53
C ARG E 45 -6.83 3.23 -11.62
N LEU E 46 -6.13 2.35 -10.92
CA LEU E 46 -4.68 2.39 -10.87
C LEU E 46 -4.09 1.99 -12.22
N ILE E 47 -3.28 2.87 -12.80
CA ILE E 47 -2.65 2.64 -14.09
C ILE E 47 -1.31 1.95 -13.87
N HIS E 48 -0.35 2.69 -13.32
CA HIS E 48 0.95 2.15 -12.95
C HIS E 48 1.34 2.72 -11.60
N TYR E 49 2.30 2.07 -10.94
CA TYR E 49 2.83 2.55 -9.68
C TYR E 49 4.33 2.29 -9.63
N SER E 50 4.97 2.85 -8.61
CA SER E 50 6.41 2.73 -8.45
C SER E 50 6.71 2.72 -6.95
N ASN E 51 7.21 1.59 -6.44
CA ASN E 51 7.47 1.48 -5.01
C ASN E 51 8.65 2.34 -4.59
N THR E 52 9.70 2.39 -5.41
CA THR E 52 10.89 3.16 -5.11
C THR E 52 11.42 3.77 -6.40
N ALA E 53 12.44 4.61 -6.26
CA ALA E 53 13.17 5.09 -7.42
C ALA E 53 13.86 3.92 -8.11
N GLY E 54 13.66 3.82 -9.43
CA GLY E 54 14.28 2.76 -10.21
C GLY E 54 13.41 1.55 -10.47
N THR E 55 12.18 1.51 -9.95
CA THR E 55 11.29 0.38 -10.13
C THR E 55 9.90 0.88 -10.49
N THR E 56 9.18 0.08 -11.28
CA THR E 56 7.80 0.35 -11.64
C THR E 56 6.99 -0.94 -11.48
N GLY E 57 5.66 -0.78 -11.54
CA GLY E 57 4.76 -1.92 -11.46
C GLY E 57 3.44 -1.65 -12.15
N LYS E 58 2.86 -2.67 -12.76
CA LYS E 58 1.59 -2.51 -13.46
C LYS E 58 0.43 -2.47 -12.49
N GLY E 59 -0.54 -1.62 -12.77
CA GLY E 59 -1.75 -1.48 -11.99
C GLY E 59 -2.91 -2.24 -12.60
N GLU E 60 -4.11 -1.67 -12.44
CA GLU E 60 -5.30 -2.33 -12.96
C GLU E 60 -5.53 -2.04 -14.45
N VAL E 61 -5.12 -0.87 -14.93
CA VAL E 61 -5.30 -0.51 -16.34
C VAL E 61 -3.94 -0.14 -16.92
N PRO E 62 -3.04 -1.12 -17.12
CA PRO E 62 -1.70 -0.77 -17.61
C PRO E 62 -1.65 -0.55 -19.12
N ASP E 63 -2.58 -1.16 -19.85
CA ASP E 63 -2.51 -1.16 -21.31
C ASP E 63 -2.69 0.24 -21.87
N GLY E 64 -1.84 0.59 -22.84
CA GLY E 64 -1.86 1.91 -23.45
C GLY E 64 -0.95 2.93 -22.79
N TYR E 65 -0.45 2.65 -21.59
CA TYR E 65 0.36 3.59 -20.85
C TYR E 65 1.71 2.98 -20.50
N SER E 66 2.68 3.85 -20.25
CA SER E 66 3.99 3.43 -19.75
C SER E 66 4.54 4.53 -18.86
N VAL E 67 5.38 4.14 -17.91
CA VAL E 67 5.96 5.05 -16.94
C VAL E 67 7.46 4.82 -16.86
N SER E 68 8.13 5.70 -16.14
CA SER E 68 9.55 5.55 -15.85
C SER E 68 9.85 6.28 -14.54
N ARG E 69 10.74 5.68 -13.74
CA ARG E 69 11.12 6.23 -12.43
C ARG E 69 12.64 6.22 -12.37
N ALA E 70 13.27 7.17 -13.06
CA ALA E 70 14.72 7.24 -13.04
C ALA E 70 15.24 7.76 -11.71
N ASN E 71 14.47 8.60 -11.02
CA ASN E 71 14.88 9.17 -9.75
C ASN E 71 13.65 9.21 -8.83
N THR E 72 13.86 9.78 -7.63
CA THR E 72 12.80 9.79 -6.63
C THR E 72 11.73 10.84 -6.94
N ASP E 73 12.10 11.95 -7.58
CA ASP E 73 11.17 13.07 -7.76
C ASP E 73 10.17 12.82 -8.88
N ASP E 74 10.65 12.40 -10.04
CA ASP E 74 9.85 12.40 -11.27
C ASP E 74 9.19 11.04 -11.50
N PHE E 75 7.95 11.07 -11.98
CA PHE E 75 7.22 9.86 -12.35
C PHE E 75 6.27 10.19 -13.49
N PRO E 76 6.80 10.33 -14.71
CA PRO E 76 5.94 10.72 -15.83
C PRO E 76 5.11 9.56 -16.36
N LEU E 77 3.97 9.92 -16.95
CA LEU E 77 3.07 8.97 -17.59
C LEU E 77 2.99 9.30 -19.07
N THR E 78 3.20 8.29 -19.91
CA THR E 78 3.26 8.48 -21.36
C THR E 78 2.18 7.66 -22.05
N LEU E 79 1.38 8.31 -22.88
CA LEU E 79 0.43 7.64 -23.75
C LEU E 79 1.10 7.38 -25.08
N ALA E 80 1.36 6.11 -25.39
CA ALA E 80 2.14 5.77 -26.58
C ALA E 80 1.40 6.15 -27.86
N SER E 81 0.17 5.65 -28.01
CA SER E 81 -0.67 5.96 -29.16
C SER E 81 -2.06 6.30 -28.64
N ALA E 82 -2.41 7.58 -28.71
CA ALA E 82 -3.64 8.06 -28.07
C ALA E 82 -4.87 7.38 -28.66
N VAL E 83 -5.71 6.85 -27.77
CA VAL E 83 -6.95 6.16 -28.15
C VAL E 83 -8.12 6.92 -27.53
N PRO E 84 -9.24 7.08 -28.23
CA PRO E 84 -10.37 7.82 -27.64
C PRO E 84 -10.85 7.26 -26.31
N SER E 85 -10.63 5.97 -26.04
CA SER E 85 -11.01 5.41 -24.75
C SER E 85 -10.09 5.86 -23.63
N GLN E 86 -8.98 6.51 -23.94
CA GLN E 86 -8.10 7.08 -22.92
C GLN E 86 -8.53 8.48 -22.49
N THR E 87 -9.66 8.97 -22.99
CA THR E 87 -10.24 10.22 -22.52
C THR E 87 -10.71 10.06 -21.08
N SER E 88 -10.10 10.81 -20.17
CA SER E 88 -10.34 10.63 -18.74
C SER E 88 -9.72 11.79 -17.99
N VAL E 89 -9.78 11.73 -16.67
CA VAL E 89 -9.08 12.65 -15.78
C VAL E 89 -7.99 11.85 -15.08
N TYR E 90 -6.74 12.29 -15.23
CA TYR E 90 -5.60 11.56 -14.71
C TYR E 90 -5.07 12.23 -13.45
N PHE E 91 -4.76 11.41 -12.45
CA PHE E 91 -4.26 11.90 -11.17
C PHE E 91 -2.94 11.23 -10.83
N CYS E 92 -1.93 12.05 -10.53
CA CYS E 92 -0.69 11.56 -9.97
C CYS E 92 -0.74 11.65 -8.45
N ALA E 93 -0.02 10.76 -7.79
CA ALA E 93 -0.02 10.72 -6.34
C ALA E 93 1.25 10.07 -5.84
N SER E 94 1.59 10.37 -4.59
CA SER E 94 2.79 9.79 -3.97
C SER E 94 2.51 9.54 -2.50
N SER E 95 3.30 8.62 -1.94
CA SER E 95 3.22 8.29 -0.52
C SER E 95 4.63 8.01 0.00
N TRP E 96 4.80 8.14 1.31
CA TRP E 96 6.10 7.91 1.93
C TRP E 96 6.67 6.56 1.51
N SER E 97 5.92 5.50 1.72
CA SER E 97 6.29 4.17 1.28
C SER E 97 5.04 3.44 0.82
N PHE E 98 5.21 2.22 0.32
CA PHE E 98 4.07 1.42 -0.12
C PHE E 98 3.16 1.11 1.06
N GLY E 99 1.86 1.31 0.87
CA GLY E 99 0.88 1.06 1.90
C GLY E 99 0.46 2.27 2.71
N THR E 100 1.17 3.40 2.59
CA THR E 100 0.81 4.59 3.34
C THR E 100 -0.08 5.50 2.50
N GLU E 101 -0.54 6.59 3.11
CA GLU E 101 -1.52 7.46 2.48
C GLU E 101 -0.93 8.20 1.28
N ALA E 102 -1.70 8.26 0.21
CA ALA E 102 -1.27 8.92 -1.03
C ALA E 102 -1.70 10.37 -1.03
N PHE E 103 -0.80 11.24 -1.50
CA PHE E 103 -1.08 12.66 -1.68
C PHE E 103 -1.19 12.93 -3.18
N PHE E 104 -2.33 13.45 -3.60
CA PHE E 104 -2.64 13.57 -5.02
C PHE E 104 -2.23 14.93 -5.59
N GLY E 105 -1.93 14.94 -6.88
CA GLY E 105 -1.65 16.15 -7.60
C GLY E 105 -2.92 16.82 -8.10
N GLN E 106 -2.72 17.87 -8.89
CA GLN E 106 -3.84 18.71 -9.31
C GLN E 106 -4.78 17.97 -10.26
N GLY E 107 -4.28 17.02 -11.02
CA GLY E 107 -5.12 16.31 -11.97
C GLY E 107 -4.99 16.89 -13.37
N THR E 108 -5.19 16.02 -14.37
CA THR E 108 -5.09 16.39 -15.77
C THR E 108 -6.35 15.95 -16.48
N ARG E 109 -7.09 16.90 -17.06
CA ARG E 109 -8.23 16.59 -17.89
C ARG E 109 -7.74 16.39 -19.32
N LEU E 110 -7.93 15.19 -19.85
CA LEU E 110 -7.37 14.82 -21.15
C LEU E 110 -8.45 14.21 -22.02
N THR E 111 -8.59 14.73 -23.23
CA THR E 111 -9.58 14.26 -24.18
C THR E 111 -8.90 13.86 -25.48
N VAL E 112 -9.17 12.64 -25.94
CA VAL E 112 -8.63 12.13 -27.19
C VAL E 112 -9.78 12.06 -28.20
N VAL E 113 -9.63 12.75 -29.31
CA VAL E 113 -10.66 12.80 -30.34
C VAL E 113 -10.11 12.20 -31.63
N GLU E 114 -11.01 11.58 -32.40
CA GLU E 114 -10.65 11.06 -33.71
C GLU E 114 -10.51 12.17 -34.75
N ASP E 115 -11.06 13.34 -34.48
CA ASP E 115 -11.02 14.46 -35.42
C ASP E 115 -11.02 15.75 -34.64
N LEU E 116 -10.02 16.61 -34.88
CA LEU E 116 -9.94 17.89 -34.19
C LEU E 116 -11.06 18.84 -34.60
N ASN E 117 -11.78 18.54 -35.69
CA ASN E 117 -12.88 19.39 -36.13
C ASN E 117 -14.07 19.35 -35.18
N LYS E 118 -14.12 18.39 -34.27
CA LYS E 118 -15.24 18.27 -33.34
C LYS E 118 -15.10 19.19 -32.13
N VAL E 119 -14.06 20.01 -32.06
CA VAL E 119 -13.82 20.88 -30.92
C VAL E 119 -14.46 22.23 -31.19
N PHE E 120 -15.28 22.70 -30.24
CA PHE E 120 -16.02 23.95 -30.39
C PHE E 120 -16.01 24.71 -29.07
N PRO E 121 -15.75 26.02 -29.09
CA PRO E 121 -15.87 26.82 -27.88
C PRO E 121 -17.32 27.01 -27.50
N PRO E 122 -17.61 27.46 -26.28
CA PRO E 122 -19.00 27.63 -25.88
C PRO E 122 -19.59 28.95 -26.36
N GLU E 123 -20.92 28.98 -26.37
CA GLU E 123 -21.69 30.21 -26.53
C GLU E 123 -22.32 30.55 -25.19
N VAL E 124 -22.06 31.76 -24.71
CA VAL E 124 -22.45 32.16 -23.36
C VAL E 124 -23.52 33.23 -23.44
N ALA E 125 -24.53 33.13 -22.57
CA ALA E 125 -25.55 34.14 -22.44
C ALA E 125 -25.94 34.28 -20.99
N VAL E 126 -26.26 35.51 -20.58
CA VAL E 126 -26.73 35.81 -19.24
C VAL E 126 -28.21 36.15 -19.32
N PHE E 127 -29.01 35.42 -18.56
CA PHE E 127 -30.45 35.65 -18.49
C PHE E 127 -30.76 36.45 -17.23
N GLU E 128 -31.50 37.57 -17.41
CA GLU E 128 -31.76 38.59 -16.41
C GLU E 128 -32.94 38.21 -15.52
N PRO E 129 -32.92 38.66 -14.27
CA PRO E 129 -33.90 38.20 -13.29
C PRO E 129 -35.33 38.56 -13.68
N SER E 130 -36.27 37.74 -13.21
CA SER E 130 -37.68 37.96 -13.49
C SER E 130 -38.25 39.02 -12.55
N GLU E 131 -39.17 39.83 -13.10
CA GLU E 131 -39.85 40.83 -12.27
C GLU E 131 -40.70 40.16 -11.20
N ALA E 132 -41.28 38.99 -11.51
CA ALA E 132 -42.08 38.29 -10.52
C ALA E 132 -41.25 37.85 -9.33
N GLU E 133 -40.03 37.35 -9.58
CA GLU E 133 -39.16 36.95 -8.48
C GLU E 133 -38.78 38.14 -7.61
N ILE E 134 -38.45 39.27 -8.23
CA ILE E 134 -38.04 40.44 -7.48
C ILE E 134 -39.15 40.92 -6.55
N SER E 135 -40.40 40.88 -7.04
CA SER E 135 -41.52 41.33 -6.21
C SER E 135 -42.01 40.26 -5.24
N HIS E 136 -41.68 39.00 -5.49
CA HIS E 136 -42.13 37.92 -4.63
C HIS E 136 -41.15 37.60 -3.51
N THR E 137 -39.85 37.77 -3.76
CA THR E 137 -38.82 37.41 -2.79
C THR E 137 -37.87 38.54 -2.44
N GLN E 138 -37.95 39.70 -3.12
CA GLN E 138 -37.00 40.79 -2.94
C GLN E 138 -35.57 40.34 -3.25
N LYS E 139 -35.44 39.31 -4.08
CA LYS E 139 -34.15 38.80 -4.51
C LYS E 139 -34.16 38.63 -6.03
N ALA E 140 -32.98 38.70 -6.63
CA ALA E 140 -32.82 38.64 -8.08
C ALA E 140 -31.79 37.59 -8.43
N THR E 141 -32.18 36.62 -9.24
CA THR E 141 -31.31 35.53 -9.65
C THR E 141 -30.94 35.71 -11.12
N LEU E 142 -29.65 35.79 -11.40
CA LEU E 142 -29.14 35.78 -12.77
C LEU E 142 -28.73 34.36 -13.13
N VAL E 143 -29.00 33.98 -14.38
CA VAL E 143 -28.68 32.64 -14.88
C VAL E 143 -27.75 32.77 -16.07
N CYS E 144 -26.62 32.08 -16.00
CA CYS E 144 -25.64 32.03 -17.08
C CYS E 144 -25.71 30.66 -17.74
N LEU E 145 -25.72 30.65 -19.07
CA LEU E 145 -25.85 29.41 -19.82
C LEU E 145 -24.75 29.34 -20.87
N ALA E 146 -23.91 28.31 -20.78
CA ALA E 146 -22.91 27.99 -21.78
C ALA E 146 -23.35 26.75 -22.53
N THR E 147 -23.31 26.80 -23.86
CA THR E 147 -23.84 25.72 -24.68
C THR E 147 -22.94 25.48 -25.88
N GLY E 148 -23.10 24.29 -26.47
CA GLY E 148 -22.47 23.98 -27.74
C GLY E 148 -20.97 23.84 -27.71
N PHE E 149 -20.38 23.49 -26.56
CA PHE E 149 -18.94 23.34 -26.46
C PHE E 149 -18.56 21.87 -26.36
N TYR E 150 -17.38 21.56 -26.86
CA TYR E 150 -16.80 20.21 -26.81
C TYR E 150 -15.29 20.32 -26.95
N PRO E 151 -14.51 19.68 -26.05
CA PRO E 151 -14.92 18.89 -24.90
C PRO E 151 -15.42 19.74 -23.73
N ASP E 152 -15.57 19.12 -22.57
CA ASP E 152 -16.10 19.80 -21.38
C ASP E 152 -15.00 20.31 -20.47
N HIS E 153 -13.89 20.78 -21.03
CA HIS E 153 -12.83 21.39 -20.22
C HIS E 153 -13.16 22.86 -20.04
N VAL E 154 -14.11 23.13 -19.15
CA VAL E 154 -14.63 24.47 -18.94
C VAL E 154 -14.57 24.84 -17.46
N GLU E 155 -14.44 26.14 -17.20
CA GLU E 155 -14.52 26.69 -15.85
C GLU E 155 -15.35 27.96 -15.93
N LEU E 156 -16.34 28.08 -15.05
CA LEU E 156 -17.28 29.20 -15.05
C LEU E 156 -17.12 30.04 -13.79
N SER E 157 -17.14 31.35 -13.95
CA SER E 157 -17.00 32.27 -12.83
C SER E 157 -17.83 33.52 -13.09
N TRP E 158 -18.30 34.13 -12.01
CA TRP E 158 -19.07 35.36 -12.07
C TRP E 158 -18.22 36.56 -11.65
N TRP E 159 -18.50 37.70 -12.28
CA TRP E 159 -17.76 38.93 -12.01
C TRP E 159 -18.74 40.08 -11.91
N VAL E 160 -18.67 40.82 -10.80
CA VAL E 160 -19.50 41.99 -10.56
C VAL E 160 -18.58 43.19 -10.42
N ASN E 161 -18.72 44.15 -11.34
CA ASN E 161 -17.93 45.38 -11.33
C ASN E 161 -16.43 45.09 -11.38
N GLY E 162 -16.03 44.03 -12.08
CA GLY E 162 -14.64 43.70 -12.26
C GLY E 162 -14.01 42.83 -11.19
N LYS E 163 -14.80 42.33 -10.24
CA LYS E 163 -14.28 41.50 -9.17
C LYS E 163 -15.07 40.20 -9.10
N GLU E 164 -14.35 39.09 -8.93
CA GLU E 164 -14.99 37.79 -8.91
C GLU E 164 -15.76 37.60 -7.61
N VAL E 165 -16.95 37.00 -7.72
CA VAL E 165 -17.82 36.79 -6.56
C VAL E 165 -18.01 35.28 -6.36
N HIS E 166 -18.27 34.91 -5.13
CA HIS E 166 -18.53 33.52 -4.75
C HIS E 166 -19.82 33.37 -3.97
N SER E 167 -20.17 34.34 -3.13
CA SER E 167 -21.41 34.27 -2.37
C SER E 167 -22.61 34.40 -3.31
N GLY E 168 -23.66 33.62 -3.01
CA GLY E 168 -24.84 33.64 -3.85
C GLY E 168 -24.67 32.96 -5.19
N VAL E 169 -23.72 32.04 -5.32
CA VAL E 169 -23.43 31.38 -6.58
C VAL E 169 -23.51 29.87 -6.38
N CYS E 170 -24.07 29.16 -7.35
CA CYS E 170 -23.88 27.72 -7.46
C CYS E 170 -23.95 27.33 -8.92
N THR E 171 -23.01 26.49 -9.34
CA THR E 171 -22.88 26.03 -10.71
C THR E 171 -23.17 24.55 -10.78
N ASP E 172 -23.75 24.12 -11.90
CA ASP E 172 -24.02 22.69 -12.11
C ASP E 172 -22.73 21.89 -11.90
N PRO E 173 -22.78 20.81 -11.11
CA PRO E 173 -21.54 20.03 -10.89
C PRO E 173 -20.96 19.45 -12.15
N GLN E 174 -21.79 18.86 -13.01
CA GLN E 174 -21.32 18.24 -14.24
C GLN E 174 -22.07 18.81 -15.44
N PRO E 175 -21.36 19.13 -16.52
CA PRO E 175 -22.05 19.57 -17.73
C PRO E 175 -22.88 18.44 -18.33
N LEU E 176 -24.02 18.79 -18.91
CA LEU E 176 -24.90 17.83 -19.53
C LEU E 176 -24.68 17.82 -21.04
N LYS E 177 -24.90 16.65 -21.64
CA LYS E 177 -24.80 16.52 -23.09
C LYS E 177 -26.07 17.04 -23.75
N GLU E 178 -25.89 17.86 -24.79
CA GLU E 178 -27.05 18.40 -25.51
C GLU E 178 -27.76 17.33 -26.31
N GLN E 179 -27.05 16.29 -26.73
CA GLN E 179 -27.65 15.14 -27.42
C GLN E 179 -27.19 13.88 -26.70
N PRO E 180 -27.81 13.55 -25.56
CA PRO E 180 -27.38 12.36 -24.81
C PRO E 180 -27.72 11.06 -25.52
N ALA E 181 -28.67 11.06 -26.44
CA ALA E 181 -28.98 9.89 -27.24
C ALA E 181 -28.06 9.72 -28.44
N LEU E 182 -27.16 10.67 -28.68
CA LEU E 182 -26.26 10.64 -29.82
C LEU E 182 -24.82 10.63 -29.35
N ASN E 183 -23.91 10.44 -30.30
CA ASN E 183 -22.48 10.36 -30.03
C ASN E 183 -21.80 11.71 -30.28
N ASP E 184 -20.67 11.91 -29.61
CA ASP E 184 -19.86 13.13 -29.74
C ASP E 184 -20.68 14.39 -29.43
N SER E 185 -21.62 14.28 -28.50
CA SER E 185 -22.53 15.38 -28.22
C SER E 185 -21.79 16.54 -27.56
N ARG E 186 -22.20 17.75 -27.90
CA ARG E 186 -21.68 18.94 -27.23
C ARG E 186 -22.34 19.09 -25.86
N TYR E 187 -21.64 19.80 -24.98
CA TYR E 187 -22.07 19.92 -23.59
C TYR E 187 -22.71 21.29 -23.34
N ALA E 188 -23.44 21.37 -22.23
CA ALA E 188 -24.05 22.60 -21.77
C ALA E 188 -23.82 22.73 -20.27
N LEU E 189 -23.71 23.97 -19.81
CA LEU E 189 -23.45 24.24 -18.39
C LEU E 189 -24.17 25.51 -17.99
N SER E 190 -24.78 25.49 -16.80
CA SER E 190 -25.52 26.64 -16.29
C SER E 190 -25.03 26.98 -14.89
N SER E 191 -25.31 28.21 -14.48
CA SER E 191 -24.92 28.70 -13.17
C SER E 191 -25.89 29.79 -12.74
N ARG E 192 -26.06 29.94 -11.43
CA ARG E 192 -26.96 30.95 -10.87
C ARG E 192 -26.17 31.92 -10.00
N LEU E 193 -26.53 33.20 -10.08
CA LEU E 193 -26.02 34.23 -9.19
C LEU E 193 -27.21 34.99 -8.64
N ARG E 194 -27.42 34.91 -7.33
CA ARG E 194 -28.55 35.53 -6.67
C ARG E 194 -28.07 36.69 -5.81
N VAL E 195 -28.55 37.89 -6.10
CA VAL E 195 -28.26 39.07 -5.32
C VAL E 195 -29.58 39.65 -4.80
N SER E 196 -29.46 40.66 -3.95
CA SER E 196 -30.65 41.33 -3.46
C SER E 196 -31.30 42.14 -4.60
N ALA E 197 -32.60 42.39 -4.45
CA ALA E 197 -33.32 43.16 -5.45
C ALA E 197 -32.71 44.55 -5.62
N THR E 198 -32.33 45.19 -4.51
CA THR E 198 -31.77 46.53 -4.59
C THR E 198 -30.42 46.54 -5.30
N PHE E 199 -29.63 45.46 -5.15
CA PHE E 199 -28.34 45.41 -5.81
C PHE E 199 -28.49 45.23 -7.31
N TRP E 200 -29.45 44.42 -7.75
CA TRP E 200 -29.69 44.25 -9.17
C TRP E 200 -30.32 45.50 -9.78
N GLN E 201 -31.18 46.18 -9.04
CA GLN E 201 -31.87 47.36 -9.56
C GLN E 201 -31.02 48.61 -9.53
N ASP E 202 -29.72 48.50 -9.22
CA ASP E 202 -28.80 49.61 -9.30
C ASP E 202 -28.11 49.57 -10.66
N PRO E 203 -28.36 50.52 -11.56
CA PRO E 203 -27.78 50.43 -12.92
C PRO E 203 -26.28 50.66 -12.96
N ARG E 204 -25.65 51.02 -11.84
CA ARG E 204 -24.20 51.14 -11.80
C ARG E 204 -23.50 49.80 -11.63
N ASN E 205 -24.23 48.74 -11.27
CA ASN E 205 -23.67 47.42 -11.06
C ASN E 205 -23.62 46.67 -12.39
N HIS E 206 -22.43 46.21 -12.76
CA HIS E 206 -22.22 45.46 -14.00
C HIS E 206 -21.96 44.01 -13.66
N PHE E 207 -22.77 43.11 -14.20
CA PHE E 207 -22.66 41.69 -13.96
C PHE E 207 -22.06 41.00 -15.19
N ARG E 208 -21.15 40.07 -14.97
CA ARG E 208 -20.49 39.37 -16.06
C ARG E 208 -20.28 37.91 -15.70
N CYS E 209 -20.57 37.03 -16.66
CA CYS E 209 -20.32 35.61 -16.54
C CYS E 209 -19.34 35.21 -17.64
N GLN E 210 -18.21 34.63 -17.25
CA GLN E 210 -17.19 34.22 -18.21
C GLN E 210 -16.92 32.73 -18.06
N VAL E 211 -16.79 32.06 -19.20
CA VAL E 211 -16.53 30.62 -19.25
C VAL E 211 -15.16 30.42 -19.86
N GLN E 212 -14.23 29.87 -19.06
CA GLN E 212 -12.91 29.53 -19.55
C GLN E 212 -12.98 28.20 -20.29
N PHE E 213 -12.58 28.20 -21.56
CA PHE E 213 -12.58 26.99 -22.38
C PHE E 213 -11.15 26.62 -22.73
N TYR E 214 -10.74 25.42 -22.33
CA TYR E 214 -9.40 24.92 -22.64
C TYR E 214 -9.47 24.12 -23.94
N GLY E 215 -8.87 24.65 -25.00
CA GLY E 215 -8.99 24.05 -26.32
C GLY E 215 -7.71 23.49 -26.88
N LEU E 216 -7.51 23.66 -28.18
CA LEU E 216 -6.39 23.05 -28.87
C LEU E 216 -5.07 23.70 -28.48
N SER E 217 -4.00 22.92 -28.56
CA SER E 217 -2.66 23.44 -28.32
C SER E 217 -2.15 24.16 -29.56
N GLU E 218 -1.18 25.07 -29.34
CA GLU E 218 -0.62 25.85 -30.44
C GLU E 218 0.16 24.98 -31.42
N ASN E 219 0.58 23.79 -31.01
CA ASN E 219 1.26 22.87 -31.91
C ASN E 219 0.29 22.03 -32.73
N ASP E 220 -0.97 21.96 -32.34
CA ASP E 220 -1.95 21.16 -33.07
C ASP E 220 -2.21 21.75 -34.45
N GLU E 221 -2.23 20.89 -35.45
CA GLU E 221 -2.46 21.32 -36.83
C GLU E 221 -3.95 21.60 -37.04
N TRP E 222 -4.24 22.75 -37.65
CA TRP E 222 -5.62 23.16 -37.93
C TRP E 222 -5.73 23.46 -39.43
N THR E 223 -6.46 22.60 -40.14
CA THR E 223 -6.65 22.72 -41.57
C THR E 223 -8.09 23.05 -41.94
N GLN E 224 -8.79 23.75 -41.07
CA GLN E 224 -10.20 24.09 -41.27
C GLN E 224 -10.33 25.58 -41.57
N ASP E 225 -11.52 25.96 -42.04
CA ASP E 225 -11.78 27.35 -42.38
C ASP E 225 -12.15 28.17 -41.15
N ARG E 226 -12.88 27.58 -40.21
CA ARG E 226 -13.28 28.32 -39.02
C ARG E 226 -12.06 28.60 -38.14
N ALA E 227 -12.24 29.50 -37.16
CA ALA E 227 -11.16 29.84 -36.26
C ALA E 227 -10.74 28.64 -35.44
N LYS E 228 -9.44 28.54 -35.17
CA LYS E 228 -8.92 27.44 -34.39
C LYS E 228 -9.44 27.51 -32.96
N PRO E 229 -10.20 26.52 -32.50
CA PRO E 229 -10.76 26.58 -31.14
C PRO E 229 -9.68 26.44 -30.07
N VAL E 230 -8.89 27.49 -29.88
CA VAL E 230 -7.81 27.49 -28.90
C VAL E 230 -8.39 27.77 -27.52
N THR E 231 -7.52 27.84 -26.52
CA THR E 231 -7.95 28.16 -25.15
C THR E 231 -8.41 29.62 -25.11
N GLN E 232 -9.66 29.82 -24.68
CA GLN E 232 -10.23 31.15 -24.68
C GLN E 232 -11.22 31.28 -23.52
N ILE E 233 -11.61 32.52 -23.24
CA ILE E 233 -12.60 32.83 -22.21
C ILE E 233 -13.73 33.57 -22.89
N VAL E 234 -14.89 32.91 -23.03
CA VAL E 234 -16.08 33.51 -23.62
C VAL E 234 -16.96 34.02 -22.48
N SER E 235 -17.45 35.25 -22.61
CA SER E 235 -18.17 35.90 -21.53
C SER E 235 -19.48 36.49 -22.03
N ALA E 236 -20.39 36.73 -21.08
CA ALA E 236 -21.63 37.45 -21.31
C ALA E 236 -21.84 38.39 -20.14
N GLU E 237 -22.64 39.42 -20.36
CA GLU E 237 -22.81 40.48 -19.38
C GLU E 237 -24.27 40.80 -19.15
N ALA E 238 -24.51 41.62 -18.14
CA ALA E 238 -25.84 42.15 -17.83
C ALA E 238 -25.67 43.38 -16.96
N TRP E 239 -26.41 44.43 -17.26
CA TRP E 239 -26.39 45.67 -16.50
C TRP E 239 -27.61 45.76 -15.60
N GLY E 240 -27.41 46.35 -14.42
CA GLY E 240 -28.53 46.57 -13.52
C GLY E 240 -29.52 47.56 -14.08
N ARG E 241 -30.77 47.44 -13.59
CA ARG E 241 -31.84 48.33 -14.03
C ARG E 241 -32.99 48.25 -13.04
N ALA E 242 -33.63 49.40 -12.80
CA ALA E 242 -34.75 49.44 -11.86
C ALA E 242 -36.03 48.91 -12.49
N ASP E 243 -36.48 49.55 -13.57
CA ASP E 243 -37.69 49.11 -14.26
C ASP E 243 -37.39 48.83 -15.73
#